data_7YC0
#
_entry.id   7YC0
#
_cell.length_a   54.410
_cell.length_b   92.770
_cell.length_c   218.111
_cell.angle_alpha   90.000
_cell.angle_beta   96.615
_cell.angle_gamma   90.000
#
_symmetry.space_group_name_H-M   'I 1 2 1'
#
loop_
_entity.id
_entity.type
_entity.pdbx_description
1 polymer 'Alpha/beta hydrolase'
2 non-polymer 'CHLORIDE ION'
3 non-polymer 'ACETATE ION'
4 water water
#
_entity_poly.entity_id   1
_entity_poly.type   'polypeptide(L)'
_entity_poly.pdbx_seq_one_letter_code
;GSHMVERISLEKAALEFSEANAPHPRIYELPVEEGRSLLNEVQDSPVVKEDVDIEDIAVDTGEWGEINVRFIRPLHQEKK
LPVIFYIHGAGWVFGNAHTHDKLIRELAVRTNSVVVFSEYSLSPEAKYPTAIEQNYAVLQQLKDFANDKKFDVNHLTVAG
DSVGGNMATVMTLLTKQRGGQKIGQQVLYYPVTDANFDTDSYNEFAENYFLTKEGMIWFWDQYTTSQEERHQITASPLRA
TKEDLADLPAALIITGEADVLRDEGEAYARKLREADVEVTQVRFQAIIHDFVMVNSMNETHATRAAMSLSTQWINEKNRK
;
_entity_poly.pdbx_strand_id   A,B,C
#
loop_
_chem_comp.id
_chem_comp.type
_chem_comp.name
_chem_comp.formula
ACT non-polymer 'ACETATE ION' 'C2 H3 O2 -1'
CL non-polymer 'CHLORIDE ION' 'Cl -1'
#
# COMPACT_ATOMS: atom_id res chain seq x y z
N VAL A 5 -22.74 5.22 9.90
CA VAL A 5 -21.79 4.83 11.03
C VAL A 5 -21.09 6.09 11.54
N GLU A 6 -21.04 6.28 12.87
CA GLU A 6 -20.43 7.46 13.54
C GLU A 6 -18.90 7.35 13.59
N ARG A 7 -18.15 8.24 12.93
CA ARG A 7 -16.67 8.31 13.01
C ARG A 7 -16.17 9.72 13.31
N ILE A 8 -14.97 9.85 13.87
CA ILE A 8 -14.26 11.16 13.97
C ILE A 8 -13.83 11.54 12.56
N SER A 9 -13.38 12.79 12.43
CA SER A 9 -12.90 13.39 11.16
C SER A 9 -11.72 12.55 10.66
N LEU A 10 -11.77 12.08 9.40
CA LEU A 10 -10.72 11.30 8.70
C LEU A 10 -10.49 11.89 7.31
N GLU A 11 -9.26 11.80 6.79
CA GLU A 11 -8.97 11.99 5.36
C GLU A 11 -9.85 11.05 4.53
N LYS A 12 -10.29 11.53 3.35
CA LYS A 12 -11.20 10.81 2.43
C LYS A 12 -10.73 9.35 2.25
N ALA A 13 -9.47 9.12 1.90
CA ALA A 13 -8.94 7.78 1.56
C ALA A 13 -8.99 6.86 2.79
N ALA A 14 -8.78 7.41 4.00
CA ALA A 14 -8.83 6.66 5.27
C ALA A 14 -10.27 6.25 5.59
N LEU A 15 -11.22 7.15 5.39
CA LEU A 15 -12.65 6.85 5.55
C LEU A 15 -13.05 5.73 4.58
N GLU A 16 -12.63 5.84 3.32
CA GLU A 16 -12.99 4.87 2.25
C GLU A 16 -12.35 3.51 2.59
N PHE A 17 -11.12 3.49 3.09
CA PHE A 17 -10.43 2.23 3.44
C PHE A 17 -11.14 1.60 4.65
N SER A 18 -11.62 2.40 5.59
CA SER A 18 -12.38 1.93 6.77
C SER A 18 -13.70 1.30 6.33
N GLU A 19 -14.46 1.98 5.45
CA GLU A 19 -15.79 1.49 4.96
C GLU A 19 -15.59 0.19 4.14
N ALA A 20 -14.55 0.10 3.32
CA ALA A 20 -14.23 -1.07 2.47
C ALA A 20 -13.89 -2.32 3.31
N ASN A 21 -13.53 -2.14 4.58
CA ASN A 21 -13.05 -3.22 5.47
C ASN A 21 -14.02 -3.46 6.63
N ALA A 22 -15.16 -2.78 6.64
CA ALA A 22 -16.22 -2.96 7.66
C ALA A 22 -16.98 -4.27 7.44
N PRO A 23 -17.35 -4.67 6.20
CA PRO A 23 -18.19 -5.87 6.05
C PRO A 23 -17.47 -7.12 6.55
N HIS A 24 -18.21 -8.03 7.15
CA HIS A 24 -17.76 -9.43 7.39
C HIS A 24 -17.96 -10.25 6.10
N PRO A 25 -17.09 -11.22 5.77
CA PRO A 25 -15.91 -11.53 6.57
C PRO A 25 -14.75 -10.52 6.40
N ARG A 26 -14.15 -10.09 7.50
CA ARG A 26 -12.95 -9.23 7.47
C ARG A 26 -11.74 -10.09 7.18
N ILE A 27 -10.58 -9.46 6.93
CA ILE A 27 -9.34 -10.15 6.50
C ILE A 27 -8.94 -11.25 7.52
N TYR A 28 -9.14 -11.00 8.83
CA TYR A 28 -8.69 -11.91 9.92
C TYR A 28 -9.72 -13.03 10.17
N GLU A 29 -10.86 -13.00 9.47
CA GLU A 29 -11.92 -14.05 9.54
C GLU A 29 -11.85 -15.00 8.32
N LEU A 30 -10.81 -14.91 7.50
CA LEU A 30 -10.60 -15.79 6.32
C LEU A 30 -9.55 -16.83 6.69
N PRO A 31 -9.54 -18.01 6.02
CA PRO A 31 -8.42 -18.94 6.12
C PRO A 31 -7.16 -18.12 5.83
N VAL A 32 -6.07 -18.33 6.57
CA VAL A 32 -4.90 -17.42 6.55
C VAL A 32 -4.36 -17.28 5.12
N GLU A 33 -4.47 -18.32 4.28
CA GLU A 33 -3.98 -18.28 2.88
C GLU A 33 -4.90 -17.39 2.04
N GLU A 34 -6.21 -17.36 2.29
CA GLU A 34 -7.12 -16.39 1.63
C GLU A 34 -6.86 -14.96 2.13
N GLY A 35 -6.58 -14.78 3.42
CA GLY A 35 -6.24 -13.45 3.96
C GLY A 35 -5.01 -12.90 3.26
N ARG A 36 -3.98 -13.74 3.12
CA ARG A 36 -2.69 -13.38 2.47
C ARG A 36 -2.95 -12.93 1.02
N SER A 37 -3.80 -13.65 0.29
CA SER A 37 -4.21 -13.34 -1.10
C SER A 37 -4.92 -11.99 -1.16
N LEU A 38 -5.89 -11.76 -0.28
CA LEU A 38 -6.67 -10.49 -0.23
C LEU A 38 -5.68 -9.35 -0.03
N LEU A 39 -4.72 -9.43 0.89
CA LEU A 39 -3.80 -8.26 1.06
C LEU A 39 -3.01 -8.04 -0.25
N ASN A 40 -2.56 -9.10 -0.91
CA ASN A 40 -1.85 -9.01 -2.22
C ASN A 40 -2.72 -8.28 -3.22
N GLU A 41 -4.00 -8.62 -3.28
CA GLU A 41 -4.93 -8.05 -4.27
C GLU A 41 -5.14 -6.56 -3.94
N VAL A 42 -5.19 -6.21 -2.65
CA VAL A 42 -5.32 -4.81 -2.15
C VAL A 42 -4.10 -4.05 -2.69
N GLN A 43 -2.94 -4.66 -2.59
CA GLN A 43 -1.66 -3.99 -2.93
C GLN A 43 -1.30 -4.13 -4.41
N ASP A 44 -2.21 -4.62 -5.25
CA ASP A 44 -2.14 -4.50 -6.73
C ASP A 44 -2.76 -3.18 -7.20
N SER A 45 -3.51 -2.47 -6.36
CA SER A 45 -4.25 -1.26 -6.81
C SER A 45 -3.24 -0.21 -7.30
N PRO A 46 -3.66 0.69 -8.21
CA PRO A 46 -2.77 1.68 -8.82
C PRO A 46 -1.94 2.53 -7.84
N VAL A 47 -0.62 2.63 -8.08
CA VAL A 47 0.28 3.59 -7.35
C VAL A 47 1.53 3.82 -8.19
N VAL A 48 2.13 5.00 -8.09
CA VAL A 48 3.47 5.33 -8.67
C VAL A 48 4.57 4.83 -7.72
N LYS A 49 5.42 3.91 -8.18
CA LYS A 49 6.52 3.35 -7.36
C LYS A 49 7.84 3.96 -7.85
N GLU A 50 8.69 4.41 -6.93
CA GLU A 50 10.06 4.84 -7.27
C GLU A 50 10.77 3.69 -8.01
N ASP A 51 11.88 3.99 -8.69
CA ASP A 51 12.67 3.02 -9.51
C ASP A 51 13.86 2.50 -8.70
N VAL A 52 14.05 1.18 -8.72
CA VAL A 52 15.03 0.45 -7.86
C VAL A 52 15.56 -0.76 -8.64
N ASP A 53 16.77 -1.21 -8.34
CA ASP A 53 17.24 -2.60 -8.65
C ASP A 53 16.88 -3.52 -7.46
N ILE A 54 16.29 -4.68 -7.76
CA ILE A 54 15.80 -5.71 -6.80
C ILE A 54 16.68 -6.96 -6.93
N GLU A 55 17.18 -7.48 -5.80
CA GLU A 55 17.80 -8.84 -5.74
C GLU A 55 17.21 -9.64 -4.56
N ASP A 56 16.68 -10.83 -4.86
CA ASP A 56 16.15 -11.82 -3.88
C ASP A 56 17.23 -12.89 -3.61
N ILE A 57 17.74 -12.91 -2.38
CA ILE A 57 18.80 -13.84 -1.88
C ILE A 57 18.23 -14.72 -0.76
N ALA A 58 18.34 -16.05 -0.86
CA ALA A 58 18.06 -16.99 0.25
C ALA A 58 19.13 -16.79 1.31
N VAL A 59 18.72 -16.58 2.56
CA VAL A 59 19.62 -16.38 3.73
C VAL A 59 19.24 -17.44 4.78
N ASP A 60 20.27 -18.06 5.33
CA ASP A 60 20.16 -19.19 6.29
C ASP A 60 20.31 -18.58 7.68
N THR A 61 19.29 -18.75 8.53
CA THR A 61 19.22 -18.17 9.91
C THR A 61 19.68 -19.23 10.92
N GLY A 62 20.12 -20.39 10.43
CA GLY A 62 20.59 -21.55 11.22
C GLY A 62 19.41 -22.34 11.78
N GLU A 63 19.24 -22.28 13.12
CA GLU A 63 18.16 -23.00 13.87
C GLU A 63 16.79 -22.55 13.38
N TRP A 64 16.68 -21.34 12.80
CA TRP A 64 15.38 -20.72 12.46
C TRP A 64 15.09 -20.83 10.94
N GLY A 65 15.86 -21.64 10.21
CA GLY A 65 15.57 -22.00 8.81
C GLY A 65 16.02 -20.96 7.79
N GLU A 66 15.63 -21.19 6.54
CA GLU A 66 16.03 -20.40 5.36
C GLU A 66 14.86 -19.52 4.97
N ILE A 67 15.08 -18.21 4.83
CA ILE A 67 14.04 -17.22 4.41
C ILE A 67 14.55 -16.45 3.20
N ASN A 68 13.66 -16.01 2.32
CA ASN A 68 14.05 -15.01 1.29
C ASN A 68 14.28 -13.65 1.97
N VAL A 69 15.39 -12.98 1.59
CA VAL A 69 15.69 -11.55 1.91
C VAL A 69 15.83 -10.75 0.59
N ARG A 70 15.01 -9.70 0.42
CA ARG A 70 15.02 -8.82 -0.77
C ARG A 70 15.91 -7.61 -0.50
N PHE A 71 16.87 -7.36 -1.40
CA PHE A 71 17.81 -6.20 -1.36
C PHE A 71 17.40 -5.22 -2.46
N ILE A 72 17.16 -3.98 -2.07
CA ILE A 72 16.60 -2.91 -2.95
C ILE A 72 17.62 -1.77 -2.97
N ARG A 73 17.95 -1.30 -4.19
CA ARG A 73 18.98 -0.26 -4.43
C ARG A 73 18.46 0.77 -5.44
N PRO A 74 18.57 2.07 -5.16
CA PRO A 74 18.28 3.07 -6.19
C PRO A 74 19.19 2.88 -7.43
N LEU A 75 18.70 3.25 -8.61
CA LEU A 75 19.45 3.06 -9.89
C LEU A 75 20.65 4.03 -9.94
N HIS A 76 21.75 3.60 -10.57
CA HIS A 76 22.92 4.45 -10.92
C HIS A 76 23.62 5.03 -9.69
N GLN A 77 23.88 4.24 -8.65
CA GLN A 77 24.65 4.71 -7.47
C GLN A 77 25.94 3.90 -7.39
N GLU A 78 27.07 4.51 -7.71
CA GLU A 78 28.41 3.87 -7.67
C GLU A 78 28.85 3.75 -6.21
N LYS A 79 28.47 4.73 -5.39
CA LYS A 79 29.05 4.89 -4.03
C LYS A 79 28.44 3.84 -3.08
N LYS A 80 29.12 3.65 -1.93
CA LYS A 80 28.69 2.83 -0.77
C LYS A 80 27.54 3.55 -0.03
N LEU A 81 26.31 3.03 -0.09
CA LEU A 81 25.10 3.68 0.51
C LEU A 81 24.92 3.27 1.98
N PRO A 82 24.25 4.12 2.78
CA PRO A 82 23.73 3.67 4.07
C PRO A 82 22.78 2.48 3.86
N VAL A 83 22.43 1.77 4.93
CA VAL A 83 21.50 0.61 4.83
C VAL A 83 20.33 0.74 5.82
N ILE A 84 19.15 0.39 5.36
CA ILE A 84 17.92 0.30 6.18
C ILE A 84 17.47 -1.16 6.21
N PHE A 85 17.43 -1.73 7.41
CA PHE A 85 16.84 -3.06 7.67
C PHE A 85 15.34 -2.85 7.96
N TYR A 86 14.49 -3.26 7.02
CA TYR A 86 13.03 -3.00 7.06
C TYR A 86 12.31 -4.30 7.42
N ILE A 87 11.54 -4.25 8.53
CA ILE A 87 10.68 -5.36 9.01
C ILE A 87 9.22 -4.99 8.77
N HIS A 88 8.56 -5.75 7.91
CA HIS A 88 7.18 -5.50 7.48
C HIS A 88 6.21 -5.87 8.60
N GLY A 89 5.02 -5.29 8.50
CA GLY A 89 3.88 -5.55 9.39
C GLY A 89 2.78 -6.27 8.64
N ALA A 90 1.57 -6.19 9.20
CA ALA A 90 0.34 -6.88 8.79
C ALA A 90 0.10 -8.09 9.70
N GLY A 91 0.25 -7.93 11.01
CA GLY A 91 -0.36 -8.82 12.02
C GLY A 91 0.40 -10.12 12.27
N TRP A 92 1.67 -10.20 11.86
CA TRP A 92 2.53 -11.43 11.94
C TRP A 92 1.98 -12.51 10.98
N VAL A 93 0.80 -12.27 10.41
CA VAL A 93 0.13 -13.30 9.59
C VAL A 93 0.29 -13.00 8.09
N PHE A 94 0.20 -11.74 7.67
CA PHE A 94 0.23 -11.40 6.22
C PHE A 94 1.47 -10.58 5.87
N GLY A 95 1.54 -10.18 4.60
CA GLY A 95 2.59 -9.29 4.09
C GLY A 95 3.76 -10.03 3.48
N ASN A 96 4.51 -9.33 2.65
CA ASN A 96 5.61 -9.85 1.79
C ASN A 96 6.19 -8.66 1.00
N ALA A 97 7.20 -8.90 0.17
CA ALA A 97 7.92 -7.87 -0.60
C ALA A 97 6.90 -7.07 -1.44
N HIS A 98 5.85 -7.71 -1.93
CA HIS A 98 4.84 -7.08 -2.83
C HIS A 98 3.93 -6.12 -2.04
N THR A 99 3.47 -6.51 -0.85
CA THR A 99 2.53 -5.70 -0.03
C THR A 99 3.23 -4.39 0.37
N HIS A 100 4.54 -4.39 0.60
CA HIS A 100 5.27 -3.25 1.19
C HIS A 100 6.14 -2.55 0.12
N ASP A 101 5.91 -2.90 -1.15
CA ASP A 101 6.79 -2.58 -2.31
C ASP A 101 6.88 -1.04 -2.48
N LYS A 102 5.75 -0.35 -2.59
CA LYS A 102 5.76 1.11 -2.74
C LYS A 102 6.51 1.76 -1.57
N LEU A 103 6.29 1.32 -0.33
CA LEU A 103 6.89 1.94 0.87
C LEU A 103 8.41 1.79 0.84
N ILE A 104 8.92 0.58 0.64
CA ILE A 104 10.39 0.36 0.73
C ILE A 104 11.13 1.00 -0.47
N ARG A 105 10.51 1.06 -1.65
CA ARG A 105 11.05 1.82 -2.83
C ARG A 105 11.17 3.29 -2.47
N GLU A 106 10.12 3.86 -1.87
CA GLU A 106 10.13 5.28 -1.46
C GLU A 106 11.27 5.52 -0.47
N LEU A 107 11.46 4.61 0.49
CA LEU A 107 12.52 4.78 1.53
C LEU A 107 13.89 4.69 0.84
N ALA A 108 14.05 3.73 -0.06
CA ALA A 108 15.33 3.46 -0.76
C ALA A 108 15.77 4.74 -1.50
N VAL A 109 14.85 5.30 -2.29
CA VAL A 109 15.11 6.45 -3.20
C VAL A 109 15.28 7.71 -2.38
N ARG A 110 14.36 8.07 -1.48
CA ARG A 110 14.38 9.40 -0.78
C ARG A 110 15.43 9.44 0.32
N THR A 111 15.97 8.30 0.77
CA THR A 111 17.11 8.31 1.72
C THR A 111 18.40 7.89 0.99
N ASN A 112 18.30 7.59 -0.31
CA ASN A 112 19.41 7.06 -1.15
C ASN A 112 20.13 5.98 -0.34
N SER A 113 19.38 4.93 0.00
CA SER A 113 19.84 3.79 0.84
C SER A 113 19.52 2.47 0.15
N VAL A 114 20.31 1.44 0.44
CA VAL A 114 19.91 0.02 0.25
C VAL A 114 18.89 -0.28 1.35
N VAL A 115 17.75 -0.85 0.96
CA VAL A 115 16.75 -1.40 1.91
C VAL A 115 16.90 -2.93 1.86
N VAL A 116 17.15 -3.53 3.02
CA VAL A 116 17.17 -5.01 3.20
C VAL A 116 15.86 -5.41 3.88
N PHE A 117 15.07 -6.26 3.21
CA PHE A 117 13.69 -6.62 3.57
C PHE A 117 13.60 -8.12 3.84
N SER A 118 13.59 -8.56 5.11
CA SER A 118 13.47 -9.99 5.50
C SER A 118 12.04 -10.45 5.26
N GLU A 119 11.82 -11.53 4.51
CA GLU A 119 10.50 -12.22 4.48
C GLU A 119 10.51 -13.30 5.57
N TYR A 120 10.52 -12.88 6.84
CA TYR A 120 10.42 -13.73 8.06
C TYR A 120 9.22 -14.67 7.92
N SER A 121 9.25 -15.81 8.61
CA SER A 121 8.18 -16.84 8.63
C SER A 121 6.92 -16.25 9.28
N LEU A 122 5.76 -16.48 8.69
CA LEU A 122 4.49 -15.86 9.11
C LEU A 122 3.82 -16.79 10.12
N SER A 123 3.03 -16.23 11.04
CA SER A 123 2.15 -16.96 11.97
C SER A 123 0.87 -17.28 11.22
N PRO A 124 0.04 -18.26 11.65
CA PRO A 124 0.33 -19.12 12.80
C PRO A 124 1.27 -20.31 12.59
N GLU A 125 1.72 -20.56 11.35
CA GLU A 125 2.65 -21.69 11.05
C GLU A 125 3.93 -21.50 11.86
N ALA A 126 4.47 -20.28 11.91
CA ALA A 126 5.61 -19.96 12.79
C ALA A 126 5.09 -19.12 13.97
N LYS A 127 5.52 -19.51 15.17
CA LYS A 127 5.13 -18.84 16.43
C LYS A 127 6.32 -17.99 16.88
N TYR A 128 6.05 -17.06 17.79
CA TYR A 128 7.10 -16.33 18.56
C TYR A 128 8.04 -17.40 19.12
N PRO A 129 9.37 -17.20 19.19
CA PRO A 129 10.06 -16.01 18.72
C PRO A 129 10.81 -16.17 17.38
N THR A 130 10.28 -17.00 16.47
CA THR A 130 10.94 -17.37 15.20
C THR A 130 11.23 -16.09 14.40
N ALA A 131 10.18 -15.30 14.11
CA ALA A 131 10.33 -14.07 13.28
C ALA A 131 11.42 -13.18 13.87
N ILE A 132 11.44 -12.95 15.19
CA ILE A 132 12.44 -11.99 15.75
C ILE A 132 13.83 -12.63 15.69
N GLU A 133 13.95 -13.95 15.85
CA GLU A 133 15.27 -14.63 15.78
C GLU A 133 15.80 -14.56 14.35
N GLN A 134 14.95 -14.81 13.35
CA GLN A 134 15.33 -14.79 11.90
C GLN A 134 15.77 -13.38 11.52
N ASN A 135 15.02 -12.36 11.95
CA ASN A 135 15.33 -10.93 11.65
C ASN A 135 16.66 -10.58 12.32
N TYR A 136 16.85 -10.99 13.57
CA TYR A 136 18.11 -10.71 14.30
C TYR A 136 19.29 -11.43 13.62
N ALA A 137 19.08 -12.62 13.06
CA ALA A 137 20.18 -13.39 12.41
C ALA A 137 20.58 -12.67 11.11
N VAL A 138 19.61 -12.25 10.29
CA VAL A 138 19.86 -11.49 9.04
C VAL A 138 20.65 -10.22 9.37
N LEU A 139 20.28 -9.50 10.44
CA LEU A 139 21.03 -8.29 10.90
C LEU A 139 22.50 -8.66 11.11
N GLN A 140 22.79 -9.84 11.65
CA GLN A 140 24.19 -10.25 11.96
C GLN A 140 24.96 -10.62 10.67
N GLN A 141 24.26 -10.93 9.59
CA GLN A 141 24.86 -11.30 8.29
C GLN A 141 24.91 -10.09 7.34
N LEU A 142 24.59 -8.86 7.79
CA LEU A 142 24.57 -7.67 6.88
C LEU A 142 26.00 -7.36 6.43
N LYS A 143 26.97 -7.45 7.34
CA LYS A 143 28.40 -7.25 7.03
C LYS A 143 28.85 -8.20 5.89
N ASP A 144 28.26 -9.41 5.80
CA ASP A 144 28.57 -10.44 4.78
C ASP A 144 28.10 -9.99 3.39
N PHE A 145 27.13 -9.08 3.30
CA PHE A 145 26.63 -8.59 1.98
C PHE A 145 27.13 -7.16 1.67
N ALA A 146 27.75 -6.46 2.63
CA ALA A 146 28.04 -5.01 2.59
C ALA A 146 28.86 -4.64 1.34
N ASN A 147 29.73 -5.57 0.90
CA ASN A 147 30.70 -5.34 -0.19
C ASN A 147 30.00 -5.63 -1.51
N ASP A 148 29.45 -6.82 -1.72
CA ASP A 148 28.77 -7.15 -3.02
C ASP A 148 27.60 -6.18 -3.28
N LYS A 149 26.89 -5.73 -2.24
CA LYS A 149 25.66 -4.87 -2.36
C LYS A 149 25.97 -3.39 -2.05
N LYS A 150 27.26 -3.04 -1.93
CA LYS A 150 27.76 -1.65 -1.89
C LYS A 150 26.93 -0.85 -0.89
N PHE A 151 26.94 -1.27 0.37
CA PHE A 151 26.38 -0.46 1.49
C PHE A 151 27.35 -0.53 2.66
N ASP A 152 27.27 0.47 3.54
CA ASP A 152 28.10 0.67 4.74
C ASP A 152 27.28 0.30 5.99
N VAL A 153 27.66 -0.78 6.65
CA VAL A 153 26.93 -1.38 7.80
C VAL A 153 27.12 -0.50 9.03
N ASN A 154 27.99 0.50 9.00
CA ASN A 154 28.16 1.48 10.10
C ASN A 154 27.14 2.63 9.98
N HIS A 155 26.33 2.64 8.91
CA HIS A 155 25.24 3.64 8.71
C HIS A 155 23.93 2.87 8.62
N LEU A 156 23.51 2.32 9.77
CA LEU A 156 22.48 1.25 9.87
C LEU A 156 21.28 1.79 10.64
N THR A 157 20.13 1.77 9.97
CA THR A 157 18.82 2.14 10.51
C THR A 157 17.94 0.89 10.51
N VAL A 158 17.22 0.67 11.60
CA VAL A 158 16.17 -0.38 11.58
C VAL A 158 14.80 0.31 11.56
N ALA A 159 13.85 -0.22 10.79
CA ALA A 159 12.53 0.40 10.60
C ALA A 159 11.48 -0.69 10.41
N GLY A 160 10.24 -0.39 10.80
CA GLY A 160 9.13 -1.29 10.52
C GLY A 160 7.81 -0.65 10.80
N ASP A 161 6.77 -1.26 10.23
CA ASP A 161 5.38 -0.78 10.37
C ASP A 161 4.59 -1.79 11.20
N SER A 162 3.88 -1.31 12.23
CA SER A 162 2.89 -2.13 12.96
C SER A 162 3.66 -3.21 13.73
N VAL A 163 3.35 -4.47 13.46
CA VAL A 163 4.06 -5.66 14.01
C VAL A 163 5.55 -5.58 13.64
N GLY A 164 5.87 -5.06 12.47
CA GLY A 164 7.26 -4.80 12.05
C GLY A 164 7.93 -3.75 12.91
N GLY A 165 7.18 -2.74 13.39
CA GLY A 165 7.73 -1.72 14.31
C GLY A 165 8.04 -2.33 15.67
N ASN A 166 7.15 -3.18 16.15
CA ASN A 166 7.40 -4.05 17.32
C ASN A 166 8.78 -4.73 17.16
N MET A 167 8.99 -5.48 16.08
CA MET A 167 10.19 -6.36 15.93
C MET A 167 11.42 -5.49 15.69
N ALA A 168 11.21 -4.32 15.08
CA ALA A 168 12.27 -3.33 14.82
C ALA A 168 12.82 -2.85 16.15
N THR A 169 11.96 -2.37 17.06
CA THR A 169 12.46 -1.89 18.38
C THR A 169 13.04 -3.07 19.16
N VAL A 170 12.49 -4.28 18.97
CA VAL A 170 13.01 -5.52 19.63
C VAL A 170 14.43 -5.82 19.08
N MET A 171 14.70 -5.58 17.79
CA MET A 171 16.06 -5.73 17.23
C MET A 171 17.02 -4.90 18.08
N THR A 172 16.63 -3.70 18.51
CA THR A 172 17.54 -2.82 19.30
C THR A 172 17.78 -3.43 20.67
N LEU A 173 16.73 -4.02 21.26
CA LEU A 173 16.82 -4.76 22.54
C LEU A 173 17.77 -5.98 22.40
N LEU A 174 17.53 -6.86 21.44
CA LEU A 174 18.35 -8.08 21.25
C LEU A 174 19.81 -7.66 21.00
N THR A 175 20.06 -6.59 20.24
CA THR A 175 21.42 -6.14 19.85
C THR A 175 22.17 -5.68 21.10
N LYS A 176 21.54 -4.86 21.94
CA LYS A 176 22.12 -4.37 23.22
C LYS A 176 22.43 -5.57 24.12
N GLN A 177 21.55 -6.58 24.17
CA GLN A 177 21.68 -7.74 25.09
C GLN A 177 22.77 -8.71 24.61
N ARG A 178 22.95 -8.89 23.30
CA ARG A 178 23.83 -9.93 22.69
C ARG A 178 25.07 -9.31 22.04
N GLY A 179 25.25 -7.99 22.15
CA GLY A 179 26.37 -7.23 21.57
C GLY A 179 26.49 -7.45 20.09
N GLY A 180 25.39 -7.32 19.33
CA GLY A 180 25.37 -7.57 17.87
C GLY A 180 25.67 -6.33 17.06
N GLN A 181 25.47 -6.39 15.75
CA GLN A 181 25.76 -5.30 14.79
C GLN A 181 25.15 -3.98 15.29
N LYS A 182 25.96 -2.97 15.56
CA LYS A 182 25.48 -1.69 16.13
C LYS A 182 24.36 -1.12 15.25
N ILE A 183 23.25 -0.68 15.87
CA ILE A 183 22.15 0.01 15.14
C ILE A 183 22.21 1.51 15.51
N GLY A 184 22.29 2.38 14.51
CA GLY A 184 22.41 3.83 14.73
C GLY A 184 21.09 4.43 15.22
N GLN A 185 19.98 4.02 14.65
CA GLN A 185 18.66 4.64 14.98
C GLN A 185 17.53 3.72 14.50
N GLN A 186 16.31 3.99 14.97
CA GLN A 186 15.13 3.14 14.67
C GLN A 186 13.95 4.03 14.30
N VAL A 187 13.19 3.57 13.31
CA VAL A 187 11.96 4.26 12.83
C VAL A 187 10.79 3.27 12.96
N LEU A 188 9.83 3.59 13.79
CA LEU A 188 8.67 2.72 14.03
C LEU A 188 7.46 3.51 13.56
N TYR A 189 6.83 3.04 12.48
CA TYR A 189 5.52 3.45 11.97
C TYR A 189 4.46 2.68 12.79
N TYR A 190 3.67 3.42 13.59
CA TYR A 190 2.46 2.94 14.31
C TYR A 190 2.69 1.53 14.84
N PRO A 191 3.71 1.32 15.68
CA PRO A 191 4.09 -0.01 16.15
C PRO A 191 3.07 -0.63 17.13
N VAL A 192 3.07 -1.96 17.16
CA VAL A 192 2.54 -2.76 18.30
C VAL A 192 3.57 -2.72 19.45
N THR A 193 3.19 -2.37 20.67
CA THR A 193 4.19 -2.36 21.79
C THR A 193 3.75 -3.21 22.99
N ASP A 194 2.53 -3.75 23.01
CA ASP A 194 1.95 -4.37 24.23
C ASP A 194 0.83 -5.34 23.86
N ALA A 195 0.77 -6.49 24.51
CA ALA A 195 -0.37 -7.44 24.37
C ALA A 195 -1.46 -7.09 25.38
N ASN A 196 -1.95 -5.84 25.40
CA ASN A 196 -3.08 -5.37 26.26
C ASN A 196 -4.10 -4.70 25.36
N PHE A 197 -5.40 -4.93 25.60
CA PHE A 197 -6.48 -4.57 24.65
C PHE A 197 -7.44 -3.55 25.29
N ASP A 198 -6.94 -2.79 26.25
CA ASP A 198 -7.75 -2.02 27.23
C ASP A 198 -7.26 -0.57 27.33
N THR A 199 -6.42 -0.11 26.40
CA THR A 199 -5.95 1.30 26.36
C THR A 199 -7.13 2.12 25.88
N ASP A 200 -7.14 3.43 26.11
CA ASP A 200 -8.24 4.32 25.67
C ASP A 200 -8.40 4.27 24.15
N SER A 201 -7.31 4.23 23.36
CA SER A 201 -7.39 4.14 21.88
C SER A 201 -7.98 2.78 21.46
N TYR A 202 -7.59 1.69 22.09
CA TYR A 202 -8.17 0.35 21.82
C TYR A 202 -9.70 0.42 21.97
N ASN A 203 -10.16 1.08 23.04
CA ASN A 203 -11.59 1.21 23.38
C ASN A 203 -12.25 2.13 22.38
N GLU A 204 -11.68 3.31 22.13
CA GLU A 204 -12.33 4.32 21.26
C GLU A 204 -12.41 3.81 19.79
N PHE A 205 -11.34 3.22 19.24
CA PHE A 205 -11.25 2.85 17.79
C PHE A 205 -11.44 1.33 17.58
N ALA A 206 -12.05 0.64 18.55
CA ALA A 206 -12.24 -0.82 18.60
C ALA A 206 -12.82 -1.37 17.30
N GLU A 207 -13.77 -0.64 16.70
CA GLU A 207 -14.53 -0.98 15.48
C GLU A 207 -14.54 0.22 14.53
N ASN A 208 -14.69 -0.01 13.23
CA ASN A 208 -14.98 1.00 12.18
C ASN A 208 -13.73 1.71 11.66
N TYR A 209 -12.53 1.37 12.11
CA TYR A 209 -11.32 2.09 11.66
C TYR A 209 -10.36 1.10 11.02
N PHE A 210 -10.91 0.14 10.28
CA PHE A 210 -10.17 -0.91 9.53
C PHE A 210 -9.50 -1.92 10.49
N LEU A 211 -8.45 -1.54 11.20
CA LEU A 211 -7.83 -2.40 12.25
C LEU A 211 -8.73 -2.31 13.50
N THR A 212 -9.16 -3.47 13.98
CA THR A 212 -10.17 -3.66 15.04
C THR A 212 -9.49 -4.23 16.30
N LYS A 213 -10.12 -4.02 17.47
CA LYS A 213 -9.71 -4.66 18.73
C LYS A 213 -9.70 -6.17 18.48
N GLU A 214 -10.80 -6.69 17.92
CA GLU A 214 -11.02 -8.15 17.72
C GLU A 214 -9.90 -8.73 16.84
N GLY A 215 -9.60 -8.07 15.71
CA GLY A 215 -8.51 -8.46 14.80
C GLY A 215 -7.15 -8.47 15.49
N MET A 216 -6.84 -7.45 16.28
CA MET A 216 -5.55 -7.40 17.02
C MET A 216 -5.46 -8.56 18.03
N ILE A 217 -6.58 -8.91 18.69
CA ILE A 217 -6.62 -10.06 19.65
C ILE A 217 -6.25 -11.34 18.87
N TRP A 218 -6.85 -11.50 17.70
CA TRP A 218 -6.60 -12.62 16.76
C TRP A 218 -5.13 -12.63 16.31
N PHE A 219 -4.58 -11.50 15.89
CA PHE A 219 -3.16 -11.43 15.46
C PHE A 219 -2.27 -11.91 16.61
N TRP A 220 -2.46 -11.37 17.82
CA TRP A 220 -1.65 -11.87 18.96
C TRP A 220 -1.85 -13.37 19.15
N ASP A 221 -3.08 -13.87 19.02
CA ASP A 221 -3.42 -15.31 19.19
C ASP A 221 -2.66 -16.16 18.15
N GLN A 222 -2.47 -15.68 16.94
CA GLN A 222 -1.69 -16.37 15.88
C GLN A 222 -0.19 -16.40 16.21
N TYR A 223 0.33 -15.38 16.90
CA TYR A 223 1.78 -15.18 17.17
C TYR A 223 2.23 -16.05 18.36
N THR A 224 1.43 -16.02 19.43
CA THR A 224 1.61 -16.83 20.68
C THR A 224 0.46 -16.59 21.66
N THR A 225 -0.14 -17.67 22.18
CA THR A 225 -1.23 -17.64 23.20
C THR A 225 -0.65 -17.85 24.60
N SER A 226 0.66 -17.76 24.79
CA SER A 226 1.29 -17.92 26.11
C SER A 226 1.43 -16.55 26.76
N GLN A 227 0.82 -16.38 27.93
CA GLN A 227 0.88 -15.12 28.71
C GLN A 227 2.34 -14.85 29.05
N GLU A 228 3.10 -15.89 29.41
CA GLU A 228 4.51 -15.70 29.85
C GLU A 228 5.33 -15.11 28.68
N GLU A 229 5.13 -15.60 27.45
CA GLU A 229 5.83 -15.08 26.23
C GLU A 229 5.42 -13.61 25.96
N ARG A 230 4.13 -13.32 25.98
CA ARG A 230 3.58 -11.95 25.78
C ARG A 230 4.13 -10.96 26.81
N HIS A 231 4.53 -11.43 28.00
CA HIS A 231 5.04 -10.54 29.06
C HIS A 231 6.55 -10.32 28.83
N GLN A 232 7.22 -11.12 28.01
CA GLN A 232 8.66 -10.90 27.73
C GLN A 232 8.83 -9.55 27.03
N ILE A 233 9.90 -8.79 27.31
CA ILE A 233 10.06 -7.43 26.72
C ILE A 233 10.32 -7.54 25.20
N THR A 234 10.63 -8.73 24.69
CA THR A 234 10.91 -8.98 23.25
C THR A 234 9.62 -9.36 22.52
N ALA A 235 8.49 -9.45 23.26
CA ALA A 235 7.13 -9.52 22.69
C ALA A 235 6.39 -8.18 22.91
N SER A 236 6.42 -7.70 24.16
CA SER A 236 5.75 -6.46 24.63
C SER A 236 6.78 -5.47 25.15
N PRO A 237 7.49 -4.74 24.27
CA PRO A 237 8.54 -3.84 24.72
C PRO A 237 8.07 -2.69 25.60
N LEU A 238 6.77 -2.39 25.59
CA LEU A 238 6.15 -1.42 26.53
C LEU A 238 6.44 -1.87 27.98
N ARG A 239 6.62 -3.17 28.20
CA ARG A 239 6.90 -3.75 29.55
C ARG A 239 8.37 -3.56 29.95
N ALA A 240 9.26 -3.10 29.07
CA ALA A 240 10.68 -2.83 29.41
C ALA A 240 10.79 -1.83 30.55
N THR A 241 11.70 -2.10 31.47
CA THR A 241 12.16 -1.16 32.53
C THR A 241 13.05 -0.09 31.91
N LYS A 242 13.31 0.95 32.69
CA LYS A 242 14.22 2.07 32.39
C LYS A 242 15.60 1.51 32.03
N GLU A 243 16.13 0.60 32.85
CA GLU A 243 17.47 -0.01 32.71
C GLU A 243 17.47 -0.83 31.41
N ASP A 244 16.39 -1.56 31.10
CA ASP A 244 16.26 -2.31 29.81
C ASP A 244 16.43 -1.33 28.63
N LEU A 245 15.81 -0.13 28.68
CA LEU A 245 15.72 0.81 27.52
C LEU A 245 16.92 1.76 27.46
N ALA A 246 17.70 1.93 28.53
CA ALA A 246 18.86 2.87 28.56
C ALA A 246 19.78 2.56 27.38
N ASP A 247 20.28 3.60 26.71
CA ASP A 247 21.29 3.53 25.62
C ASP A 247 20.78 2.85 24.36
N LEU A 248 19.47 2.64 24.15
CA LEU A 248 18.95 2.12 22.86
C LEU A 248 19.14 3.19 21.79
N PRO A 249 19.18 2.79 20.50
CA PRO A 249 19.31 3.75 19.40
C PRO A 249 18.19 4.80 19.40
N ALA A 250 18.54 6.03 18.99
CA ALA A 250 17.60 7.14 18.72
C ALA A 250 16.39 6.61 17.96
N ALA A 251 15.20 7.09 18.31
CA ALA A 251 13.94 6.57 17.72
C ALA A 251 13.08 7.72 17.20
N LEU A 252 12.48 7.45 16.04
CA LEU A 252 11.36 8.20 15.49
C LEU A 252 10.13 7.27 15.56
N ILE A 253 9.10 7.71 16.31
CA ILE A 253 7.86 6.92 16.52
C ILE A 253 6.68 7.73 15.98
N ILE A 254 6.05 7.20 14.93
CA ILE A 254 4.95 7.88 14.21
C ILE A 254 3.66 7.18 14.58
N THR A 255 2.64 7.94 14.98
CA THR A 255 1.30 7.37 15.29
C THR A 255 0.26 8.09 14.46
N GLY A 256 -0.87 7.41 14.28
CA GLY A 256 -2.11 7.97 13.73
C GLY A 256 -3.16 8.09 14.80
N GLU A 257 -4.03 9.06 14.63
CA GLU A 257 -5.05 9.43 15.65
C GLU A 257 -6.07 8.28 15.83
N ALA A 258 -6.59 7.76 14.73
CA ALA A 258 -7.70 6.80 14.69
C ALA A 258 -7.12 5.39 14.51
N ASP A 259 -6.40 4.95 15.52
CA ASP A 259 -5.68 3.65 15.54
C ASP A 259 -5.77 3.09 16.97
N VAL A 260 -6.21 1.84 17.13
CA VAL A 260 -6.21 1.18 18.48
C VAL A 260 -4.80 1.21 19.11
N LEU A 261 -3.72 1.20 18.31
CA LEU A 261 -2.31 1.11 18.78
C LEU A 261 -1.72 2.48 19.11
N ARG A 262 -2.51 3.52 18.97
CA ARG A 262 -2.00 4.90 19.15
C ARG A 262 -1.40 5.03 20.55
N ASP A 263 -2.16 4.69 21.58
CA ASP A 263 -1.77 4.99 22.97
C ASP A 263 -0.53 4.16 23.35
N GLU A 264 -0.42 2.91 22.89
CA GLU A 264 0.72 2.04 23.31
C GLU A 264 1.99 2.50 22.60
N GLY A 265 1.84 3.09 21.40
CA GLY A 265 2.96 3.70 20.65
C GLY A 265 3.45 4.95 21.36
N GLU A 266 2.52 5.81 21.77
CA GLU A 266 2.85 7.08 22.45
C GLU A 266 3.37 6.78 23.86
N ALA A 267 2.86 5.74 24.49
CA ALA A 267 3.32 5.31 25.84
C ALA A 267 4.75 4.79 25.73
N TYR A 268 5.06 4.03 24.69
CA TYR A 268 6.42 3.46 24.51
C TYR A 268 7.42 4.60 24.30
N ALA A 269 7.00 5.61 23.55
CA ALA A 269 7.81 6.82 23.26
C ALA A 269 8.17 7.50 24.59
N ARG A 270 7.21 7.61 25.50
CA ARG A 270 7.47 8.28 26.80
C ARG A 270 8.46 7.42 27.60
N LYS A 271 8.30 6.09 27.61
CA LYS A 271 9.24 5.18 28.33
C LYS A 271 10.67 5.35 27.78
N LEU A 272 10.89 5.35 26.45
CA LEU A 272 12.24 5.58 25.85
C LEU A 272 12.76 6.94 26.35
N ARG A 273 11.95 8.01 26.28
CA ARG A 273 12.35 9.39 26.66
C ARG A 273 12.77 9.40 28.13
N GLU A 274 11.99 8.75 29.01
CA GLU A 274 12.29 8.63 30.47
C GLU A 274 13.62 7.88 30.65
N ALA A 275 14.02 6.99 29.72
CA ALA A 275 15.29 6.23 29.81
C ALA A 275 16.44 6.99 29.12
N ASP A 276 16.21 8.26 28.77
CA ASP A 276 17.18 9.22 28.20
C ASP A 276 17.52 8.85 26.76
N VAL A 277 16.74 7.99 26.11
CA VAL A 277 16.87 7.73 24.65
C VAL A 277 16.34 8.95 23.92
N GLU A 278 16.97 9.30 22.80
CA GLU A 278 16.56 10.39 21.89
C GLU A 278 15.26 9.97 21.22
N VAL A 279 14.18 10.73 21.42
CA VAL A 279 12.84 10.33 20.89
C VAL A 279 12.20 11.51 20.15
N THR A 280 11.81 11.25 18.91
CA THR A 280 10.93 12.13 18.10
C THR A 280 9.60 11.40 17.96
N GLN A 281 8.57 11.90 18.63
CA GLN A 281 7.22 11.27 18.58
C GLN A 281 6.24 12.26 17.95
N VAL A 282 5.57 11.83 16.88
CA VAL A 282 4.63 12.66 16.12
C VAL A 282 3.37 11.86 15.88
N ARG A 283 2.20 12.47 16.10
CA ARG A 283 0.86 11.89 15.81
C ARG A 283 0.23 12.68 14.65
N PHE A 284 -0.21 11.97 13.60
CA PHE A 284 -0.87 12.55 12.41
C PHE A 284 -2.37 12.42 12.64
N GLN A 285 -3.09 13.54 12.55
CA GLN A 285 -4.55 13.60 12.75
C GLN A 285 -5.27 12.81 11.64
N ALA A 286 -6.48 12.38 11.94
CA ALA A 286 -7.50 12.00 10.94
C ALA A 286 -6.99 10.88 10.02
N ILE A 287 -6.22 9.94 10.57
CA ILE A 287 -5.63 8.85 9.74
C ILE A 287 -5.68 7.55 10.53
N ILE A 288 -5.76 6.43 9.80
CA ILE A 288 -5.99 5.07 10.36
C ILE A 288 -4.68 4.31 10.32
N HIS A 289 -4.69 3.11 10.89
CA HIS A 289 -3.55 2.18 10.86
C HIS A 289 -3.16 1.91 9.39
N ASP A 290 -1.87 1.61 9.18
CA ASP A 290 -1.33 1.08 7.89
C ASP A 290 -1.16 2.14 6.80
N PHE A 291 -1.09 3.43 7.14
CA PHE A 291 -1.26 4.50 6.13
C PHE A 291 0.01 4.70 5.29
N VAL A 292 1.19 4.30 5.76
CA VAL A 292 2.39 4.48 4.89
C VAL A 292 2.55 3.25 3.96
N MET A 293 1.78 2.18 4.14
CA MET A 293 1.95 0.96 3.32
C MET A 293 0.84 0.85 2.26
N VAL A 294 -0.41 1.06 2.65
CA VAL A 294 -1.60 0.85 1.76
C VAL A 294 -1.51 1.80 0.54
N ASN A 295 -1.59 1.22 -0.67
CA ASN A 295 -1.42 2.00 -1.92
C ASN A 295 -2.49 3.10 -1.98
N SER A 296 -3.76 2.78 -1.74
CA SER A 296 -4.87 3.75 -1.88
C SER A 296 -4.71 4.93 -0.88
N MET A 297 -3.83 4.86 0.14
CA MET A 297 -3.64 5.96 1.14
C MET A 297 -2.34 6.70 0.84
N ASN A 298 -1.72 6.39 -0.29
CA ASN A 298 -0.41 6.97 -0.65
C ASN A 298 -0.48 8.49 -0.78
N GLU A 299 -1.66 9.05 -1.11
CA GLU A 299 -1.80 10.51 -1.38
C GLU A 299 -2.28 11.27 -0.14
N THR A 300 -2.61 10.61 0.97
CA THR A 300 -3.13 11.32 2.16
C THR A 300 -2.07 12.33 2.60
N HIS A 301 -2.50 13.43 3.20
CA HIS A 301 -1.58 14.44 3.79
C HIS A 301 -0.74 13.76 4.87
N ALA A 302 -1.35 12.90 5.70
CA ALA A 302 -0.63 12.14 6.74
C ALA A 302 0.50 11.34 6.09
N THR A 303 0.21 10.57 5.03
CA THR A 303 1.24 9.73 4.39
C THR A 303 2.36 10.63 3.85
N ARG A 304 2.02 11.70 3.11
CA ARG A 304 3.04 12.58 2.47
C ARG A 304 3.91 13.16 3.59
N ALA A 305 3.31 13.61 4.69
CA ALA A 305 4.04 14.26 5.81
C ALA A 305 4.87 13.24 6.59
N ALA A 306 4.32 12.05 6.86
CA ALA A 306 5.05 10.95 7.55
C ALA A 306 6.30 10.59 6.76
N MET A 307 6.19 10.45 5.43
CA MET A 307 7.35 10.04 4.60
C MET A 307 8.37 11.18 4.54
N SER A 308 7.94 12.45 4.43
CA SER A 308 8.85 13.63 4.44
C SER A 308 9.59 13.66 5.77
N LEU A 309 8.87 13.51 6.87
CA LEU A 309 9.50 13.54 8.21
C LEU A 309 10.48 12.38 8.31
N SER A 310 10.05 11.16 8.00
CA SER A 310 10.89 9.95 8.26
C SER A 310 12.16 9.96 7.37
N THR A 311 12.03 10.27 6.08
CA THR A 311 13.18 10.24 5.12
C THR A 311 14.17 11.32 5.52
N GLN A 312 13.70 12.53 5.82
CA GLN A 312 14.56 13.65 6.25
C GLN A 312 15.31 13.26 7.53
N TRP A 313 14.60 12.69 8.50
CA TRP A 313 15.17 12.36 9.83
C TRP A 313 16.31 11.35 9.68
N ILE A 314 16.12 10.39 8.77
CA ILE A 314 17.14 9.36 8.44
C ILE A 314 18.29 10.03 7.68
N ASN A 315 17.97 10.84 6.66
CA ASN A 315 18.99 11.58 5.87
C ASN A 315 19.89 12.35 6.83
N GLU A 316 19.31 13.07 7.80
CA GLU A 316 20.08 13.85 8.81
C GLU A 316 20.97 12.91 9.62
N LYS A 317 20.47 11.72 9.99
CA LYS A 317 21.22 10.72 10.78
C LYS A 317 22.47 10.21 10.03
N ASN A 318 22.37 10.00 8.72
CA ASN A 318 23.41 9.35 7.87
C ASN A 318 24.55 10.31 7.54
N ARG A 319 24.45 11.59 7.89
CA ARG A 319 25.41 12.64 7.47
C ARG A 319 25.41 13.77 8.50
N VAL B 5 6.00 20.43 41.79
CA VAL B 5 5.04 19.29 41.58
C VAL B 5 5.34 18.62 40.22
N GLU B 6 4.35 18.04 39.57
CA GLU B 6 4.56 16.91 38.62
C GLU B 6 3.90 17.20 37.28
N ARG B 7 4.52 16.76 36.20
CA ARG B 7 4.11 17.09 34.81
C ARG B 7 4.10 15.79 34.02
N ILE B 8 3.40 15.76 32.87
CA ILE B 8 3.57 14.64 31.91
C ILE B 8 5.02 14.65 31.40
N SER B 9 5.48 13.52 30.85
CA SER B 9 6.78 13.43 30.12
C SER B 9 6.91 14.63 29.18
N LEU B 10 7.98 15.42 29.38
CA LEU B 10 8.37 16.59 28.53
C LEU B 10 9.83 16.43 28.13
N GLU B 11 10.24 16.96 26.98
CA GLU B 11 11.66 17.18 26.59
C GLU B 11 12.31 18.08 27.64
N LYS B 12 13.58 17.82 27.94
CA LYS B 12 14.37 18.53 28.99
C LYS B 12 14.18 20.05 28.84
N ALA B 13 14.41 20.60 27.66
CA ALA B 13 14.32 22.07 27.42
C ALA B 13 12.90 22.59 27.67
N ALA B 14 11.84 21.81 27.40
CA ALA B 14 10.44 22.22 27.70
C ALA B 14 10.20 22.20 29.22
N LEU B 15 10.71 21.19 29.91
CA LEU B 15 10.57 21.11 31.40
C LEU B 15 11.26 22.33 32.01
N GLU B 16 12.45 22.67 31.52
CA GLU B 16 13.27 23.74 32.15
C GLU B 16 12.56 25.09 31.98
N PHE B 17 12.03 25.32 30.77
CA PHE B 17 11.35 26.57 30.42
C PHE B 17 10.04 26.67 31.19
N SER B 18 9.35 25.54 31.41
CA SER B 18 8.15 25.47 32.31
C SER B 18 8.52 25.90 33.74
N GLU B 19 9.58 25.32 34.31
CA GLU B 19 9.99 25.60 35.71
C GLU B 19 10.41 27.08 35.89
N ALA B 20 11.24 27.60 34.97
CA ALA B 20 11.73 29.00 34.93
C ALA B 20 10.58 30.01 35.03
N ASN B 21 9.39 29.64 34.55
CA ASN B 21 8.20 30.52 34.44
C ASN B 21 7.12 30.12 35.43
N ALA B 22 7.44 29.25 36.38
CA ALA B 22 6.52 28.77 37.43
C ALA B 22 6.26 29.88 38.46
N PRO B 23 7.30 30.59 38.96
CA PRO B 23 7.12 31.48 40.11
C PRO B 23 6.38 32.80 39.76
N HIS B 24 5.68 33.37 40.75
CA HIS B 24 5.00 34.70 40.65
C HIS B 24 5.97 35.81 41.05
N PRO B 25 5.94 36.98 40.39
CA PRO B 25 5.00 37.25 39.31
C PRO B 25 5.41 36.72 37.93
N ARG B 26 4.46 36.12 37.20
CA ARG B 26 4.68 35.63 35.81
C ARG B 26 4.65 36.80 34.83
N ILE B 27 5.06 36.56 33.59
CA ILE B 27 5.19 37.61 32.52
C ILE B 27 3.86 38.38 32.34
N TYR B 28 2.71 37.72 32.52
CA TYR B 28 1.36 38.33 32.32
C TYR B 28 0.89 39.06 33.59
N GLU B 29 1.66 38.98 34.67
CA GLU B 29 1.37 39.70 35.94
C GLU B 29 2.23 40.96 36.02
N LEU B 30 3.19 41.14 35.11
CA LEU B 30 4.06 42.33 35.05
C LEU B 30 3.31 43.44 34.33
N PRO B 31 3.75 44.72 34.48
CA PRO B 31 3.31 45.78 33.59
C PRO B 31 3.79 45.35 32.19
N VAL B 32 3.02 45.74 31.18
CA VAL B 32 3.21 45.29 29.77
C VAL B 32 4.64 45.60 29.28
N GLU B 33 5.30 46.64 29.80
CA GLU B 33 6.64 47.11 29.31
C GLU B 33 7.76 46.18 29.81
N GLU B 34 7.65 45.73 31.05
CA GLU B 34 8.57 44.74 31.69
C GLU B 34 8.33 43.37 31.03
N GLY B 35 7.06 43.03 30.77
CA GLY B 35 6.65 41.87 29.95
C GLY B 35 7.47 41.78 28.67
N ARG B 36 7.43 42.84 27.86
CA ARG B 36 8.12 42.96 26.55
C ARG B 36 9.63 42.79 26.75
N SER B 37 10.20 43.38 27.81
CA SER B 37 11.65 43.34 28.13
C SER B 37 12.03 41.90 28.48
N LEU B 38 11.27 41.27 29.37
CA LEU B 38 11.51 39.88 29.85
C LEU B 38 11.66 38.97 28.61
N LEU B 39 10.76 39.09 27.62
CA LEU B 39 10.75 38.22 26.41
C LEU B 39 11.94 38.56 25.51
N ASN B 40 12.23 39.86 25.34
CA ASN B 40 13.43 40.30 24.56
C ASN B 40 14.70 39.69 25.19
N GLU B 41 14.77 39.64 26.53
CA GLU B 41 15.92 39.12 27.30
C GLU B 41 16.04 37.62 27.12
N VAL B 42 14.93 36.90 27.33
CA VAL B 42 14.80 35.43 27.07
C VAL B 42 15.38 35.16 25.68
N GLN B 43 15.05 35.98 24.68
CA GLN B 43 15.52 35.74 23.29
C GLN B 43 16.89 36.38 23.03
N ASP B 44 17.67 36.69 24.07
CA ASP B 44 19.11 37.05 23.98
C ASP B 44 19.95 35.81 24.25
N SER B 45 19.34 34.76 24.80
CA SER B 45 20.05 33.50 25.15
C SER B 45 20.64 32.95 23.86
N PRO B 46 21.75 32.18 23.93
CA PRO B 46 22.53 31.86 22.74
C PRO B 46 21.86 30.82 21.84
N VAL B 47 21.95 31.00 20.52
CA VAL B 47 21.47 30.01 19.52
C VAL B 47 22.15 30.25 18.18
N VAL B 48 22.41 29.18 17.43
CA VAL B 48 22.87 29.26 16.01
C VAL B 48 21.75 29.89 15.19
N LYS B 49 22.03 31.02 14.53
CA LYS B 49 21.10 31.64 13.56
C LYS B 49 21.73 31.56 12.16
N GLU B 50 20.93 31.18 11.15
CA GLU B 50 21.37 31.17 9.73
C GLU B 50 21.67 32.61 9.30
N ASP B 51 22.55 32.79 8.33
CA ASP B 51 22.92 34.11 7.75
C ASP B 51 21.88 34.53 6.70
N VAL B 52 21.57 35.84 6.67
CA VAL B 52 20.49 36.46 5.82
C VAL B 52 20.82 37.93 5.55
N ASP B 53 20.26 38.49 4.47
CA ASP B 53 20.13 39.96 4.29
C ASP B 53 18.81 40.44 4.91
N ILE B 54 18.90 41.41 5.84
CA ILE B 54 17.80 42.04 6.64
C ILE B 54 17.56 43.48 6.14
N GLU B 55 16.33 43.99 6.22
CA GLU B 55 16.02 45.36 5.75
C GLU B 55 14.71 45.81 6.37
N ASP B 56 14.75 46.85 7.20
CA ASP B 56 13.56 47.40 7.89
C ASP B 56 12.98 48.54 7.05
N ILE B 57 11.80 48.32 6.49
CA ILE B 57 11.00 49.31 5.71
C ILE B 57 9.82 49.80 6.56
N ALA B 58 9.53 51.10 6.50
CA ALA B 58 8.24 51.67 6.97
C ALA B 58 7.19 51.40 5.89
N VAL B 59 6.06 50.84 6.28
CA VAL B 59 4.91 50.61 5.37
C VAL B 59 3.70 51.30 5.98
N ASP B 60 2.93 51.99 5.13
CA ASP B 60 1.76 52.82 5.48
C ASP B 60 0.53 51.95 5.25
N THR B 61 -0.25 51.70 6.29
CA THR B 61 -1.44 50.80 6.22
C THR B 61 -2.71 51.63 6.02
N GLY B 62 -2.55 52.94 5.80
CA GLY B 62 -3.67 53.88 5.57
C GLY B 62 -4.25 54.26 6.90
N GLU B 63 -5.48 53.83 7.18
CA GLU B 63 -6.22 54.06 8.44
C GLU B 63 -5.49 53.63 9.70
N TRP B 64 -4.69 52.57 9.63
CA TRP B 64 -4.11 51.93 10.84
C TRP B 64 -2.64 52.32 11.02
N GLY B 65 -2.13 53.27 10.23
CA GLY B 65 -0.86 53.96 10.54
C GLY B 65 0.32 53.27 9.89
N GLU B 66 1.53 53.71 10.21
CA GLU B 66 2.75 53.20 9.54
C GLU B 66 3.45 52.29 10.56
N ILE B 67 3.91 51.15 10.07
CA ILE B 67 4.55 50.11 10.90
C ILE B 67 5.85 49.74 10.21
N ASN B 68 6.84 49.27 10.99
CA ASN B 68 8.05 48.65 10.41
C ASN B 68 7.69 47.26 9.84
N VAL B 69 8.25 46.92 8.69
CA VAL B 69 8.03 45.61 8.03
C VAL B 69 9.41 45.09 7.62
N ARG B 70 9.84 43.97 8.21
CA ARG B 70 11.17 43.39 7.98
C ARG B 70 11.13 42.49 6.77
N PHE B 71 12.12 42.63 5.90
CA PHE B 71 12.39 41.70 4.77
C PHE B 71 13.65 40.92 5.13
N ILE B 72 13.58 39.59 5.05
CA ILE B 72 14.72 38.66 5.26
C ILE B 72 14.95 37.92 3.97
N ARG B 73 16.21 37.78 3.58
CA ARG B 73 16.61 37.15 2.28
C ARG B 73 17.81 36.24 2.53
N PRO B 74 17.81 35.01 1.98
CA PRO B 74 19.01 34.17 2.02
C PRO B 74 20.07 34.84 1.13
N LEU B 75 21.31 34.90 1.61
CA LEU B 75 22.49 35.48 0.89
C LEU B 75 22.67 34.83 -0.48
N HIS B 76 23.11 35.62 -1.47
CA HIS B 76 23.73 35.16 -2.75
C HIS B 76 22.67 34.55 -3.66
N GLN B 77 21.48 35.15 -3.72
CA GLN B 77 20.32 34.58 -4.45
C GLN B 77 19.89 35.53 -5.57
N GLU B 78 20.17 35.14 -6.82
CA GLU B 78 20.10 36.01 -8.02
C GLU B 78 18.73 35.85 -8.70
N LYS B 79 17.84 35.01 -8.16
CA LYS B 79 16.52 34.71 -8.77
C LYS B 79 15.40 35.42 -7.99
N LYS B 80 14.21 35.47 -8.58
CA LYS B 80 12.95 35.80 -7.86
C LYS B 80 12.61 34.59 -6.96
N LEU B 81 12.68 34.77 -5.64
CA LEU B 81 12.37 33.72 -4.63
C LEU B 81 10.88 33.74 -4.31
N PRO B 82 10.31 32.62 -3.81
CA PRO B 82 8.94 32.63 -3.28
C PRO B 82 8.90 33.49 -2.01
N VAL B 83 7.70 33.87 -1.56
CA VAL B 83 7.58 34.76 -0.36
C VAL B 83 6.68 34.10 0.68
N ILE B 84 7.05 34.32 1.94
CA ILE B 84 6.30 33.94 3.15
C ILE B 84 5.99 35.24 3.90
N PHE B 85 4.72 35.53 4.11
CA PHE B 85 4.24 36.60 5.03
C PHE B 85 4.09 35.96 6.41
N TYR B 86 4.93 36.37 7.37
CA TYR B 86 5.04 35.83 8.74
C TYR B 86 4.53 36.84 9.77
N ILE B 87 3.47 36.43 10.48
CA ILE B 87 2.82 37.21 11.59
C ILE B 87 3.25 36.57 12.91
N HIS B 88 4.04 37.28 13.69
CA HIS B 88 4.57 36.77 14.97
C HIS B 88 3.46 36.63 16.03
N GLY B 89 3.70 35.70 16.97
CA GLY B 89 2.89 35.48 18.18
C GLY B 89 3.47 36.23 19.36
N ALA B 90 3.10 35.77 20.57
CA ALA B 90 3.37 36.28 21.93
C ALA B 90 2.22 37.17 22.46
N GLY B 91 0.97 36.77 22.23
CA GLY B 91 -0.20 37.12 23.07
C GLY B 91 -0.88 38.40 22.62
N TRP B 92 -0.50 38.92 21.45
CA TRP B 92 -0.78 40.29 20.93
C TRP B 92 -0.03 41.36 21.75
N VAL B 93 0.57 41.03 22.90
CA VAL B 93 1.14 42.04 23.84
C VAL B 93 2.66 42.18 23.63
N PHE B 94 3.35 41.06 23.35
CA PHE B 94 4.82 40.99 23.20
C PHE B 94 5.19 40.60 21.78
N GLY B 95 6.50 40.46 21.56
CA GLY B 95 7.10 39.98 20.30
C GLY B 95 7.43 41.13 19.34
N ASN B 96 8.39 40.86 18.47
CA ASN B 96 9.09 41.83 17.58
C ASN B 96 10.08 41.02 16.74
N ALA B 97 10.84 41.65 15.83
CA ALA B 97 11.75 40.95 14.90
C ALA B 97 12.87 40.28 15.70
N HIS B 98 13.22 40.82 16.88
CA HIS B 98 14.28 40.24 17.72
C HIS B 98 13.79 38.92 18.33
N THR B 99 12.58 38.88 18.87
CA THR B 99 12.08 37.69 19.61
C THR B 99 11.93 36.52 18.66
N HIS B 100 11.61 36.77 17.38
CA HIS B 100 11.32 35.72 16.37
C HIS B 100 12.49 35.57 15.39
N ASP B 101 13.63 36.16 15.71
CA ASP B 101 14.80 36.27 14.79
C ASP B 101 15.23 34.86 14.31
N LYS B 102 15.51 33.95 15.24
CA LYS B 102 16.04 32.60 14.96
C LYS B 102 15.11 31.89 13.98
N LEU B 103 13.80 31.91 14.27
CA LEU B 103 12.78 31.18 13.46
C LEU B 103 12.67 31.73 12.02
N ILE B 104 12.52 33.04 11.83
CA ILE B 104 12.30 33.63 10.47
C ILE B 104 13.56 33.45 9.59
N ARG B 105 14.75 33.45 10.18
CA ARG B 105 16.01 33.21 9.42
C ARG B 105 16.03 31.75 8.96
N GLU B 106 15.61 30.82 9.83
CA GLU B 106 15.61 29.37 9.48
C GLU B 106 14.60 29.17 8.36
N LEU B 107 13.42 29.78 8.45
CA LEU B 107 12.35 29.63 7.43
C LEU B 107 12.86 30.18 6.08
N ALA B 108 13.44 31.39 6.08
CA ALA B 108 13.99 32.03 4.86
C ALA B 108 14.98 31.07 4.16
N VAL B 109 16.01 30.62 4.87
CA VAL B 109 17.09 29.77 4.31
C VAL B 109 16.50 28.44 3.81
N ARG B 110 15.80 27.69 4.66
CA ARG B 110 15.42 26.28 4.35
C ARG B 110 14.35 26.25 3.27
N THR B 111 13.55 27.30 3.09
CA THR B 111 12.53 27.35 2.00
C THR B 111 13.11 28.10 0.80
N ASN B 112 14.26 28.75 1.00
CA ASN B 112 14.93 29.69 0.04
C ASN B 112 13.89 30.72 -0.46
N SER B 113 13.42 31.54 0.48
CA SER B 113 12.25 32.45 0.32
C SER B 113 12.62 33.80 0.92
N VAL B 114 11.98 34.87 0.46
CA VAL B 114 11.95 36.10 1.30
C VAL B 114 10.89 35.93 2.41
N VAL B 115 11.25 36.33 3.63
CA VAL B 115 10.32 36.41 4.80
C VAL B 115 9.96 37.89 5.02
N VAL B 116 8.70 38.23 4.84
CA VAL B 116 8.13 39.57 5.15
C VAL B 116 7.45 39.48 6.52
N PHE B 117 7.91 40.27 7.48
CA PHE B 117 7.55 40.17 8.90
C PHE B 117 6.97 41.51 9.37
N SER B 118 5.65 41.63 9.39
CA SER B 118 4.94 42.85 9.86
C SER B 118 5.09 43.01 11.37
N GLU B 119 5.65 44.14 11.82
CA GLU B 119 5.68 44.54 13.26
C GLU B 119 4.38 45.31 13.56
N TYR B 120 3.25 44.64 13.47
CA TYR B 120 1.90 45.18 13.79
C TYR B 120 1.88 45.79 15.21
N SER B 121 0.96 46.73 15.43
CA SER B 121 0.78 47.41 16.74
C SER B 121 0.33 46.37 17.78
N LEU B 122 0.93 46.45 18.96
CA LEU B 122 0.74 45.47 20.05
C LEU B 122 -0.42 45.92 20.93
N SER B 123 -0.96 45.03 21.76
CA SER B 123 -2.07 45.33 22.71
C SER B 123 -1.49 45.51 24.11
N PRO B 124 -2.19 46.12 25.11
CA PRO B 124 -3.50 46.77 24.92
C PRO B 124 -3.55 48.15 24.25
N GLU B 125 -2.40 48.75 23.93
CA GLU B 125 -2.34 50.12 23.34
C GLU B 125 -3.17 50.12 22.06
N ALA B 126 -2.98 49.11 21.22
CA ALA B 126 -3.86 48.78 20.06
C ALA B 126 -4.82 47.65 20.43
N LYS B 127 -6.02 47.70 19.86
CA LYS B 127 -7.10 46.74 20.10
C LYS B 127 -7.48 46.08 18.76
N TYR B 128 -8.10 44.92 18.83
CA TYR B 128 -8.82 44.34 17.67
C TYR B 128 -9.66 45.46 17.08
N PRO B 129 -9.73 45.67 15.74
CA PRO B 129 -9.08 44.80 14.76
C PRO B 129 -7.86 45.42 14.06
N THR B 130 -7.09 46.26 14.77
CA THR B 130 -5.93 47.03 14.22
C THR B 130 -4.90 46.08 13.61
N ALA B 131 -4.34 45.17 14.41
CA ALA B 131 -3.25 44.25 14.00
C ALA B 131 -3.69 43.49 12.74
N ILE B 132 -4.92 42.96 12.68
CA ILE B 132 -5.30 42.17 11.48
C ILE B 132 -5.42 43.09 10.27
N GLU B 133 -5.93 44.32 10.44
CA GLU B 133 -6.06 45.24 9.27
C GLU B 133 -4.66 45.68 8.86
N GLN B 134 -3.75 45.93 9.78
CA GLN B 134 -2.38 46.33 9.36
C GLN B 134 -1.77 45.18 8.57
N ASN B 135 -1.82 43.96 9.10
CA ASN B 135 -1.25 42.77 8.43
C ASN B 135 -1.90 42.61 7.07
N TYR B 136 -3.22 42.73 6.97
CA TYR B 136 -3.96 42.66 5.69
C TYR B 136 -3.44 43.75 4.73
N ALA B 137 -3.21 44.98 5.22
CA ALA B 137 -2.78 46.14 4.40
C ALA B 137 -1.43 45.82 3.74
N VAL B 138 -0.45 45.35 4.52
CA VAL B 138 0.89 44.95 4.01
C VAL B 138 0.74 43.86 2.95
N LEU B 139 -0.18 42.91 3.14
CA LEU B 139 -0.37 41.79 2.17
C LEU B 139 -0.64 42.38 0.78
N GLN B 140 -1.60 43.30 0.69
CA GLN B 140 -2.09 43.92 -0.58
C GLN B 140 -1.01 44.80 -1.21
N GLN B 141 0.03 45.18 -0.45
CA GLN B 141 1.18 45.98 -0.93
C GLN B 141 2.36 45.09 -1.38
N LEU B 142 2.31 43.76 -1.19
CA LEU B 142 3.47 42.88 -1.46
C LEU B 142 3.83 42.99 -2.95
N LYS B 143 2.83 43.07 -3.84
CA LYS B 143 3.01 43.15 -5.33
C LYS B 143 3.86 44.39 -5.69
N ASP B 144 3.96 45.37 -4.78
CA ASP B 144 4.61 46.68 -4.99
C ASP B 144 6.07 46.64 -4.55
N PHE B 145 6.44 45.75 -3.63
CA PHE B 145 7.85 45.56 -3.20
C PHE B 145 8.49 44.42 -3.98
N ALA B 146 7.70 43.63 -4.73
CA ALA B 146 8.08 42.36 -5.41
C ALA B 146 9.35 42.52 -6.28
N ASN B 147 9.62 43.71 -6.82
CA ASN B 147 10.70 43.92 -7.82
C ASN B 147 11.96 44.39 -7.10
N ASP B 148 11.95 45.46 -6.32
CA ASP B 148 13.19 45.78 -5.57
C ASP B 148 13.63 44.49 -4.86
N LYS B 149 12.69 43.75 -4.25
CA LYS B 149 13.00 42.71 -3.23
C LYS B 149 13.10 41.32 -3.87
N LYS B 150 12.89 41.25 -5.19
CA LYS B 150 12.97 40.02 -6.04
C LYS B 150 12.28 38.87 -5.31
N PHE B 151 10.94 38.90 -5.30
CA PHE B 151 10.09 37.72 -5.01
C PHE B 151 8.90 37.71 -5.97
N ASP B 152 8.30 36.54 -6.09
CA ASP B 152 7.12 36.26 -6.95
C ASP B 152 5.88 36.14 -6.03
N VAL B 153 4.93 37.07 -6.13
CA VAL B 153 3.75 37.14 -5.22
C VAL B 153 2.81 35.97 -5.51
N ASN B 154 3.01 35.25 -6.62
CA ASN B 154 2.15 34.09 -7.02
C ASN B 154 2.66 32.79 -6.36
N HIS B 155 3.69 32.89 -5.53
CA HIS B 155 4.19 31.81 -4.62
C HIS B 155 4.20 32.39 -3.20
N LEU B 156 2.99 32.66 -2.70
CA LEU B 156 2.75 33.37 -1.41
C LEU B 156 2.22 32.37 -0.37
N THR B 157 2.99 32.22 0.71
CA THR B 157 2.63 31.47 1.94
C THR B 157 2.43 32.49 3.07
N VAL B 158 1.30 32.43 3.76
CA VAL B 158 1.15 33.13 5.06
C VAL B 158 1.44 32.14 6.20
N ALA B 159 2.16 32.57 7.23
CA ALA B 159 2.51 31.70 8.36
C ALA B 159 2.47 32.51 9.65
N GLY B 160 2.33 31.84 10.78
CA GLY B 160 2.35 32.51 12.09
C GLY B 160 2.35 31.54 13.22
N ASP B 161 2.83 32.00 14.40
CA ASP B 161 2.90 31.20 15.64
C ASP B 161 1.85 31.76 16.58
N SER B 162 1.02 30.89 17.16
CA SER B 162 0.12 31.26 18.26
C SER B 162 -0.88 32.34 17.77
N VAL B 163 -0.94 33.55 18.34
CA VAL B 163 -1.86 34.63 17.84
C VAL B 163 -1.43 35.05 16.44
N GLY B 164 -0.14 34.84 16.10
CA GLY B 164 0.31 34.95 14.70
C GLY B 164 -0.40 33.94 13.80
N GLY B 165 -0.59 32.72 14.28
CA GLY B 165 -1.33 31.70 13.53
C GLY B 165 -2.79 32.07 13.38
N ASN B 166 -3.40 32.54 14.47
CA ASN B 166 -4.76 33.15 14.48
C ASN B 166 -4.87 34.15 13.33
N MET B 167 -3.98 35.14 13.31
CA MET B 167 -4.09 36.27 12.36
C MET B 167 -3.73 35.81 10.94
N ALA B 168 -2.81 34.85 10.81
CA ALA B 168 -2.44 34.22 9.51
C ALA B 168 -3.68 33.61 8.86
N THR B 169 -4.43 32.78 9.58
CA THR B 169 -5.59 32.08 8.99
C THR B 169 -6.67 33.12 8.73
N VAL B 170 -6.77 34.14 9.59
CA VAL B 170 -7.75 35.25 9.45
C VAL B 170 -7.35 36.01 8.17
N MET B 171 -6.05 36.15 7.86
CA MET B 171 -5.65 36.80 6.58
C MET B 171 -6.34 36.04 5.45
N THR B 172 -6.47 34.73 5.54
CA THR B 172 -7.00 33.94 4.39
C THR B 172 -8.49 34.20 4.27
N LEU B 173 -9.19 34.39 5.39
CA LEU B 173 -10.65 34.65 5.36
C LEU B 173 -10.90 36.06 4.79
N LEU B 174 -10.15 37.04 5.24
CA LEU B 174 -10.30 38.43 4.75
C LEU B 174 -10.02 38.45 3.24
N THR B 175 -9.00 37.72 2.80
CA THR B 175 -8.57 37.64 1.38
C THR B 175 -9.73 37.09 0.56
N LYS B 176 -10.34 36.03 1.06
CA LYS B 176 -11.48 35.39 0.37
C LYS B 176 -12.64 36.39 0.33
N GLN B 177 -12.98 37.04 1.45
CA GLN B 177 -14.12 37.98 1.58
C GLN B 177 -13.94 39.19 0.65
N ARG B 178 -12.71 39.65 0.43
CA ARG B 178 -12.39 40.99 -0.14
C ARG B 178 -11.78 40.86 -1.55
N GLY B 179 -11.47 39.65 -2.02
CA GLY B 179 -10.81 39.39 -3.31
C GLY B 179 -9.39 39.92 -3.30
N GLY B 180 -8.67 39.83 -2.16
CA GLY B 180 -7.28 40.29 -2.01
C GLY B 180 -6.23 39.44 -2.74
N GLN B 181 -4.94 39.74 -2.52
CA GLN B 181 -3.79 39.03 -3.13
C GLN B 181 -3.86 37.55 -2.79
N LYS B 182 -4.00 36.65 -3.78
CA LYS B 182 -4.22 35.20 -3.55
C LYS B 182 -3.09 34.62 -2.69
N ILE B 183 -3.46 33.88 -1.64
CA ILE B 183 -2.51 33.16 -0.76
C ILE B 183 -2.49 31.69 -1.19
N GLY B 184 -1.29 31.13 -1.43
CA GLY B 184 -1.16 29.75 -1.92
C GLY B 184 -1.54 28.76 -0.83
N GLN B 185 -1.07 29.02 0.40
CA GLN B 185 -1.20 28.06 1.52
C GLN B 185 -0.89 28.79 2.84
N GLN B 186 -1.21 28.17 3.97
CA GLN B 186 -1.07 28.78 5.33
C GLN B 186 -0.38 27.77 6.25
N VAL B 187 0.61 28.22 7.02
CA VAL B 187 1.29 27.40 8.06
C VAL B 187 0.98 28.01 9.44
N LEU B 188 0.28 27.27 10.30
CA LEU B 188 -0.07 27.72 11.67
C LEU B 188 0.67 26.87 12.70
N TYR B 189 1.63 27.47 13.40
CA TYR B 189 2.35 26.86 14.54
C TYR B 189 1.50 27.16 15.77
N TYR B 190 0.92 26.13 16.39
CA TYR B 190 0.17 26.15 17.67
C TYR B 190 -0.71 27.41 17.72
N PRO B 191 -1.64 27.55 16.76
CA PRO B 191 -2.51 28.73 16.70
C PRO B 191 -3.48 28.84 17.86
N VAL B 192 -3.78 30.09 18.22
CA VAL B 192 -5.03 30.49 18.91
C VAL B 192 -6.14 30.47 17.85
N THR B 193 -7.28 29.84 18.14
CA THR B 193 -8.40 29.78 17.17
C THR B 193 -9.75 30.17 17.81
N ASP B 194 -9.81 30.38 19.13
CA ASP B 194 -11.11 30.52 19.83
C ASP B 194 -10.92 31.16 21.21
N ALA B 195 -11.77 32.12 21.52
CA ALA B 195 -11.76 32.83 22.82
C ALA B 195 -12.58 32.01 23.82
N ASN B 196 -12.25 30.73 24.00
CA ASN B 196 -12.90 29.82 24.99
C ASN B 196 -11.78 29.19 25.83
N PHE B 197 -12.01 29.05 27.14
CA PHE B 197 -10.98 28.67 28.16
C PHE B 197 -11.33 27.34 28.80
N ASP B 198 -12.10 26.51 28.10
CA ASP B 198 -12.84 25.35 28.68
C ASP B 198 -12.62 24.08 27.87
N THR B 199 -11.58 24.01 27.04
CA THR B 199 -11.28 22.76 26.29
C THR B 199 -10.56 21.83 27.25
N ASP B 200 -10.46 20.54 26.92
CA ASP B 200 -9.81 19.54 27.81
C ASP B 200 -8.34 19.92 27.99
N SER B 201 -7.67 20.33 26.91
CA SER B 201 -6.25 20.76 26.96
C SER B 201 -6.16 22.05 27.81
N TYR B 202 -7.13 22.98 27.71
CA TYR B 202 -7.11 24.20 28.56
C TYR B 202 -7.12 23.78 30.04
N ASN B 203 -7.87 22.73 30.40
CA ASN B 203 -8.03 22.27 31.80
C ASN B 203 -6.79 21.48 32.22
N GLU B 204 -6.35 20.54 31.40
CA GLU B 204 -5.23 19.64 31.74
C GLU B 204 -3.95 20.46 31.91
N PHE B 205 -3.71 21.46 31.05
CA PHE B 205 -2.39 22.14 30.99
C PHE B 205 -2.52 23.56 31.54
N ALA B 206 -3.60 23.82 32.30
CA ALA B 206 -4.00 25.15 32.80
C ALA B 206 -2.81 25.80 33.50
N GLU B 207 -1.95 25.01 34.16
CA GLU B 207 -0.82 25.47 35.00
C GLU B 207 0.36 24.51 34.82
N ASN B 208 1.58 25.02 34.97
CA ASN B 208 2.88 24.27 35.03
C ASN B 208 3.53 24.06 33.64
N TYR B 209 2.95 24.55 32.56
CA TYR B 209 3.47 24.30 31.20
C TYR B 209 3.77 25.63 30.53
N PHE B 210 4.30 26.58 31.30
CA PHE B 210 4.69 27.94 30.85
C PHE B 210 3.45 28.76 30.48
N LEU B 211 2.78 28.44 29.37
CA LEU B 211 1.55 29.16 28.98
C LEU B 211 0.39 28.62 29.83
N THR B 212 -0.29 29.50 30.56
CA THR B 212 -1.32 29.12 31.57
C THR B 212 -2.68 29.56 31.03
N LYS B 213 -3.75 28.96 31.57
CA LYS B 213 -5.13 29.41 31.32
C LYS B 213 -5.24 30.90 31.65
N GLU B 214 -4.81 31.30 32.86
CA GLU B 214 -4.89 32.68 33.38
C GLU B 214 -4.11 33.59 32.40
N GLY B 215 -2.98 33.11 31.88
CA GLY B 215 -2.18 33.85 30.88
C GLY B 215 -2.98 34.15 29.62
N MET B 216 -3.64 33.13 29.08
CA MET B 216 -4.49 33.29 27.86
C MET B 216 -5.70 34.20 28.15
N ILE B 217 -6.26 34.14 29.35
CA ILE B 217 -7.42 35.00 29.71
C ILE B 217 -6.98 36.45 29.59
N TRP B 218 -5.79 36.75 30.10
CA TRP B 218 -5.17 38.10 30.14
C TRP B 218 -4.82 38.58 28.72
N PHE B 219 -4.17 37.74 27.91
CA PHE B 219 -3.80 38.05 26.51
C PHE B 219 -5.07 38.45 25.76
N TRP B 220 -6.13 37.64 25.86
CA TRP B 220 -7.41 37.93 25.19
C TRP B 220 -8.01 39.25 25.71
N ASP B 221 -7.89 39.51 27.02
CA ASP B 221 -8.38 40.76 27.67
C ASP B 221 -7.62 41.96 27.11
N GLN B 222 -6.35 41.82 26.76
CA GLN B 222 -5.53 42.93 26.20
C GLN B 222 -5.99 43.20 24.77
N TYR B 223 -6.36 42.16 24.03
CA TYR B 223 -6.73 42.24 22.59
C TYR B 223 -8.12 42.88 22.45
N THR B 224 -9.09 42.40 23.22
CA THR B 224 -10.48 42.93 23.24
C THR B 224 -11.30 42.19 24.29
N THR B 225 -11.99 42.95 25.14
CA THR B 225 -12.88 42.46 26.22
C THR B 225 -14.30 42.35 25.68
N SER B 226 -14.54 42.68 24.43
CA SER B 226 -15.90 42.60 23.83
C SER B 226 -16.24 41.16 23.48
N GLN B 227 -17.33 40.61 24.04
CA GLN B 227 -17.83 39.25 23.74
C GLN B 227 -18.33 39.23 22.30
N GLU B 228 -18.99 40.30 21.84
CA GLU B 228 -19.42 40.43 20.43
C GLU B 228 -18.20 40.24 19.51
N GLU B 229 -17.09 40.91 19.79
CA GLU B 229 -15.90 40.90 18.91
C GLU B 229 -15.28 39.50 18.91
N ARG B 230 -15.21 38.86 20.08
CA ARG B 230 -14.63 37.51 20.28
C ARG B 230 -15.41 36.47 19.47
N HIS B 231 -16.71 36.68 19.23
CA HIS B 231 -17.62 35.77 18.46
C HIS B 231 -17.36 35.91 16.96
N GLN B 232 -16.73 37.02 16.54
CA GLN B 232 -16.38 37.27 15.12
C GLN B 232 -15.39 36.21 14.65
N ILE B 233 -15.54 35.76 13.41
CA ILE B 233 -14.67 34.72 12.82
C ILE B 233 -13.28 35.32 12.55
N THR B 234 -13.14 36.65 12.55
CA THR B 234 -11.84 37.37 12.37
C THR B 234 -11.10 37.49 13.70
N ALA B 235 -11.73 37.10 14.82
CA ALA B 235 -11.09 36.96 16.16
C ALA B 235 -10.99 35.47 16.56
N SER B 236 -12.09 34.72 16.46
CA SER B 236 -12.23 33.28 16.79
C SER B 236 -12.57 32.49 15.53
N PRO B 237 -11.59 32.23 14.65
CA PRO B 237 -11.88 31.52 13.40
C PRO B 237 -12.44 30.08 13.55
N LEU B 238 -12.29 29.48 14.74
CA LEU B 238 -12.91 28.18 15.04
C LEU B 238 -14.44 28.31 14.90
N ARG B 239 -14.98 29.51 15.04
CA ARG B 239 -16.43 29.78 14.97
C ARG B 239 -16.92 29.88 13.53
N ALA B 240 -16.03 29.87 12.54
CA ALA B 240 -16.40 29.91 11.11
C ALA B 240 -17.26 28.70 10.76
N THR B 241 -18.23 28.89 9.87
CA THR B 241 -19.09 27.83 9.26
C THR B 241 -18.28 27.12 8.17
N LYS B 242 -18.77 25.97 7.74
CA LYS B 242 -18.25 25.25 6.55
C LYS B 242 -18.21 26.18 5.33
N GLU B 243 -19.26 26.97 5.09
CA GLU B 243 -19.33 27.92 3.94
C GLU B 243 -18.25 29.00 4.08
N ASP B 244 -18.00 29.53 5.28
CA ASP B 244 -16.90 30.53 5.49
C ASP B 244 -15.56 29.89 5.09
N LEU B 245 -15.31 28.63 5.46
CA LEU B 245 -13.98 27.98 5.37
C LEU B 245 -13.72 27.41 3.97
N ALA B 246 -14.75 27.14 3.19
CA ALA B 246 -14.62 26.55 1.83
C ALA B 246 -13.63 27.37 0.99
N ASP B 247 -12.74 26.67 0.29
CA ASP B 247 -11.81 27.20 -0.73
C ASP B 247 -10.68 28.00 -0.09
N LEU B 248 -10.53 27.98 1.24
CA LEU B 248 -9.38 28.67 1.87
C LEU B 248 -8.12 27.93 1.43
N PRO B 249 -6.95 28.58 1.46
CA PRO B 249 -5.71 27.93 1.06
C PRO B 249 -5.37 26.71 1.94
N ALA B 250 -4.72 25.73 1.33
CA ALA B 250 -4.15 24.51 1.95
C ALA B 250 -3.44 24.90 3.24
N ALA B 251 -3.60 24.09 4.28
CA ALA B 251 -3.18 24.44 5.66
C ALA B 251 -2.28 23.36 6.25
N LEU B 252 -1.19 23.79 6.89
CA LEU B 252 -0.38 22.95 7.78
C LEU B 252 -0.58 23.47 9.19
N ILE B 253 -1.13 22.64 10.07
CA ILE B 253 -1.44 23.06 11.47
C ILE B 253 -0.66 22.15 12.42
N ILE B 254 0.30 22.73 13.12
CA ILE B 254 1.21 22.03 14.07
C ILE B 254 0.77 22.34 15.50
N THR B 255 0.65 21.32 16.34
CA THR B 255 0.29 21.46 17.77
C THR B 255 1.32 20.74 18.61
N GLY B 256 1.44 21.17 19.86
CA GLY B 256 2.24 20.50 20.90
C GLY B 256 1.30 19.84 21.87
N GLU B 257 1.74 18.75 22.48
CA GLU B 257 0.91 17.92 23.38
C GLU B 257 0.56 18.73 24.62
N ALA B 258 1.55 19.41 25.20
CA ALA B 258 1.50 20.02 26.56
C ALA B 258 1.20 21.52 26.46
N ASP B 259 0.03 21.83 25.89
CA ASP B 259 -0.33 23.18 25.38
C ASP B 259 -1.83 23.36 25.58
N VAL B 260 -2.24 24.40 26.32
CA VAL B 260 -3.67 24.74 26.52
C VAL B 260 -4.33 24.89 25.16
N LEU B 261 -3.57 25.36 24.15
CA LEU B 261 -4.16 25.68 22.82
C LEU B 261 -4.28 24.44 21.91
N ARG B 262 -3.83 23.29 22.37
CA ARG B 262 -3.73 22.07 21.53
C ARG B 262 -5.11 21.75 20.95
N ASP B 263 -6.13 21.68 21.80
CA ASP B 263 -7.45 21.18 21.34
C ASP B 263 -8.07 22.14 20.31
N GLU B 264 -8.01 23.46 20.54
CA GLU B 264 -8.66 24.39 19.59
C GLU B 264 -7.90 24.43 18.24
N GLY B 265 -6.58 24.21 18.23
CA GLY B 265 -5.82 24.01 16.98
C GLY B 265 -6.27 22.77 16.25
N GLU B 266 -6.35 21.65 16.96
CA GLU B 266 -6.78 20.36 16.37
C GLU B 266 -8.24 20.47 15.90
N ALA B 267 -9.11 21.15 16.64
CA ALA B 267 -10.54 21.34 16.28
C ALA B 267 -10.67 22.18 15.02
N TYR B 268 -9.82 23.20 14.83
CA TYR B 268 -9.84 24.09 13.63
C TYR B 268 -9.40 23.29 12.39
N ALA B 269 -8.40 22.41 12.52
CA ALA B 269 -7.98 21.50 11.42
C ALA B 269 -9.15 20.63 10.98
N ARG B 270 -9.93 20.07 11.92
CA ARG B 270 -11.08 19.23 11.56
C ARG B 270 -12.10 20.07 10.77
N LYS B 271 -12.45 21.25 11.25
CA LYS B 271 -13.42 22.15 10.57
C LYS B 271 -12.94 22.47 9.14
N LEU B 272 -11.65 22.70 8.92
CA LEU B 272 -11.10 23.00 7.57
C LEU B 272 -11.25 21.75 6.71
N ARG B 273 -10.89 20.58 7.25
CA ARG B 273 -10.96 19.29 6.50
C ARG B 273 -12.42 19.01 6.13
N GLU B 274 -13.35 19.24 7.06
CA GLU B 274 -14.81 19.05 6.78
C GLU B 274 -15.29 20.06 5.73
N ALA B 275 -14.66 21.24 5.58
CA ALA B 275 -14.96 22.23 4.52
C ALA B 275 -14.18 21.92 3.24
N ASP B 276 -13.55 20.75 3.19
CA ASP B 276 -12.89 20.20 1.97
C ASP B 276 -11.62 20.99 1.70
N VAL B 277 -11.08 21.70 2.68
CA VAL B 277 -9.74 22.34 2.58
C VAL B 277 -8.70 21.23 2.82
N GLU B 278 -7.59 21.29 2.10
CA GLU B 278 -6.46 20.33 2.20
C GLU B 278 -5.74 20.59 3.54
N VAL B 279 -5.79 19.66 4.49
CA VAL B 279 -5.22 19.92 5.85
C VAL B 279 -4.18 18.86 6.18
N THR B 280 -3.00 19.31 6.59
CA THR B 280 -1.94 18.47 7.20
C THR B 280 -1.87 18.90 8.65
N GLN B 281 -2.39 18.05 9.56
CA GLN B 281 -2.38 18.32 11.02
C GLN B 281 -1.48 17.29 11.69
N VAL B 282 -0.51 17.79 12.46
CA VAL B 282 0.54 16.99 13.16
C VAL B 282 0.68 17.51 14.59
N ARG B 283 0.62 16.61 15.58
CA ARG B 283 0.88 16.93 17.01
C ARG B 283 2.20 16.34 17.43
N PHE B 284 3.05 17.17 18.02
CA PHE B 284 4.38 16.75 18.54
C PHE B 284 4.24 16.47 20.03
N GLN B 285 4.74 15.30 20.46
CA GLN B 285 4.63 14.80 21.84
C GLN B 285 5.54 15.64 22.76
N ALA B 286 5.18 15.78 24.03
CA ALA B 286 6.15 16.10 25.11
C ALA B 286 6.78 17.47 24.89
N ILE B 287 6.00 18.41 24.36
CA ILE B 287 6.47 19.78 24.07
C ILE B 287 5.38 20.77 24.49
N ILE B 288 5.84 21.93 24.91
CA ILE B 288 5.02 23.05 25.42
C ILE B 288 4.84 24.10 24.32
N HIS B 289 4.02 25.10 24.60
CA HIS B 289 3.80 26.25 23.70
C HIS B 289 5.11 26.97 23.40
N ASP B 290 5.18 27.62 22.24
CA ASP B 290 6.24 28.53 21.74
C ASP B 290 7.49 27.73 21.31
N PHE B 291 7.42 26.43 21.10
CA PHE B 291 8.64 25.59 20.92
C PHE B 291 9.38 25.93 19.61
N VAL B 292 8.77 26.50 18.57
CA VAL B 292 9.56 26.81 17.34
C VAL B 292 10.15 28.23 17.47
N MET B 293 9.83 28.99 18.49
CA MET B 293 10.31 30.39 18.56
C MET B 293 11.44 30.48 19.60
N VAL B 294 11.26 29.87 20.78
CA VAL B 294 12.11 30.11 21.98
C VAL B 294 13.49 29.48 21.77
N ASN B 295 14.55 30.29 21.91
CA ASN B 295 15.96 29.93 21.60
C ASN B 295 16.39 28.67 22.37
N SER B 296 16.05 28.59 23.65
CA SER B 296 16.41 27.49 24.57
C SER B 296 15.73 26.16 24.19
N MET B 297 14.73 26.18 23.30
CA MET B 297 13.98 24.99 22.80
C MET B 297 14.36 24.67 21.36
N ASN B 298 15.35 25.40 20.82
CA ASN B 298 15.72 25.30 19.39
C ASN B 298 16.19 23.88 19.00
N GLU B 299 16.81 23.14 19.92
CA GLU B 299 17.41 21.79 19.63
C GLU B 299 16.45 20.67 20.05
N THR B 300 15.23 20.95 20.48
CA THR B 300 14.30 19.87 20.93
C THR B 300 14.02 19.00 19.70
N HIS B 301 13.70 17.73 19.90
CA HIS B 301 13.26 16.84 18.80
C HIS B 301 11.99 17.42 18.17
N ALA B 302 11.09 17.96 18.98
CA ALA B 302 9.85 18.61 18.45
C ALA B 302 10.25 19.76 17.51
N THR B 303 11.07 20.70 17.98
CA THR B 303 11.40 21.88 17.14
C THR B 303 12.06 21.41 15.83
N ARG B 304 13.00 20.47 15.91
CA ARG B 304 13.77 20.01 14.72
C ARG B 304 12.82 19.31 13.74
N ALA B 305 11.87 18.54 14.25
CA ALA B 305 10.91 17.81 13.40
C ALA B 305 9.90 18.79 12.81
N ALA B 306 9.44 19.76 13.58
CA ALA B 306 8.43 20.75 13.09
C ALA B 306 9.04 21.65 12.00
N MET B 307 10.28 22.07 12.18
CA MET B 307 11.00 22.89 11.15
C MET B 307 11.23 22.03 9.88
N SER B 308 11.64 20.78 10.03
CA SER B 308 11.90 19.87 8.88
C SER B 308 10.60 19.65 8.12
N LEU B 309 9.49 19.33 8.81
CA LEU B 309 8.18 19.07 8.14
C LEU B 309 7.65 20.35 7.47
N SER B 310 7.60 21.47 8.20
CA SER B 310 6.96 22.71 7.69
C SER B 310 7.80 23.29 6.53
N THR B 311 9.13 23.27 6.61
CA THR B 311 9.98 23.79 5.51
C THR B 311 9.80 22.92 4.26
N GLN B 312 9.80 21.58 4.38
CA GLN B 312 9.62 20.65 3.22
C GLN B 312 8.21 20.79 2.63
N TRP B 313 7.21 20.93 3.50
CA TRP B 313 5.79 21.15 3.09
C TRP B 313 5.67 22.43 2.21
N ILE B 314 6.33 23.52 2.60
CA ILE B 314 6.34 24.83 1.86
C ILE B 314 7.10 24.65 0.54
N ASN B 315 8.31 24.06 0.58
CA ASN B 315 9.10 23.77 -0.65
C ASN B 315 8.23 22.97 -1.62
N GLU B 316 7.56 21.91 -1.17
CA GLU B 316 6.78 21.08 -2.13
C GLU B 316 5.67 21.95 -2.75
N LYS B 317 5.16 22.95 -2.01
CA LYS B 317 4.07 23.84 -2.50
C LYS B 317 4.60 24.72 -3.63
N ASN B 318 5.83 25.20 -3.50
CA ASN B 318 6.43 26.23 -4.37
C ASN B 318 6.86 25.63 -5.73
N ARG B 319 6.51 24.37 -6.04
CA ARG B 319 6.71 23.74 -7.39
C ARG B 319 5.48 23.99 -8.27
N VAL C 5 20.06 -40.13 -24.82
CA VAL C 5 19.12 -39.22 -24.04
C VAL C 5 18.42 -40.01 -22.91
N GLU C 6 18.60 -39.59 -21.64
CA GLU C 6 18.09 -40.31 -20.43
C GLU C 6 16.65 -39.86 -20.09
N ARG C 7 15.69 -40.45 -20.79
CA ARG C 7 14.25 -40.34 -20.51
C ARG C 7 13.85 -41.25 -19.34
N ILE C 8 12.75 -40.94 -18.66
CA ILE C 8 12.11 -41.89 -17.71
C ILE C 8 11.44 -43.00 -18.55
N SER C 9 11.04 -44.10 -17.91
CA SER C 9 10.33 -45.21 -18.58
C SER C 9 9.08 -44.66 -19.28
N LEU C 10 8.98 -44.94 -20.59
CA LEU C 10 7.81 -44.63 -21.46
C LEU C 10 7.32 -45.88 -22.20
N GLU C 11 6.03 -45.95 -22.52
CA GLU C 11 5.52 -46.88 -23.56
C GLU C 11 6.24 -46.58 -24.89
N LYS C 12 6.52 -47.63 -25.65
CA LYS C 12 7.33 -47.58 -26.90
C LYS C 12 6.78 -46.51 -27.86
N ALA C 13 5.46 -46.38 -28.04
CA ALA C 13 4.89 -45.43 -29.04
C ALA C 13 5.10 -44.00 -28.54
N ALA C 14 5.22 -43.82 -27.23
CA ALA C 14 5.45 -42.52 -26.56
C ALA C 14 6.91 -42.14 -26.75
N LEU C 15 7.82 -43.06 -26.52
CA LEU C 15 9.27 -42.86 -26.81
C LEU C 15 9.46 -42.48 -28.29
N GLU C 16 8.83 -43.22 -29.18
CA GLU C 16 9.02 -43.07 -30.65
C GLU C 16 8.45 -41.72 -31.10
N PHE C 17 7.27 -41.34 -30.61
CA PHE C 17 6.70 -40.03 -30.96
C PHE C 17 7.62 -38.94 -30.41
N SER C 18 8.19 -39.12 -29.22
CA SER C 18 9.14 -38.12 -28.63
C SER C 18 10.39 -38.02 -29.51
N GLU C 19 11.00 -39.15 -29.91
CA GLU C 19 12.23 -39.16 -30.74
C GLU C 19 11.96 -38.49 -32.10
N ALA C 20 10.81 -38.78 -32.74
CA ALA C 20 10.40 -38.26 -34.06
C ALA C 20 10.21 -36.74 -34.03
N ASN C 21 10.01 -36.13 -32.85
CA ASN C 21 9.78 -34.67 -32.71
C ASN C 21 10.95 -33.97 -32.00
N ALA C 22 12.07 -34.64 -31.75
CA ALA C 22 13.33 -34.05 -31.18
C ALA C 22 14.04 -33.12 -32.16
N PRO C 23 14.23 -33.48 -33.45
CA PRO C 23 14.99 -32.66 -34.38
C PRO C 23 14.41 -31.26 -34.63
N HIS C 24 15.30 -30.27 -34.76
CA HIS C 24 14.94 -28.89 -35.22
C HIS C 24 14.96 -28.87 -36.74
N PRO C 25 14.02 -28.21 -37.44
CA PRO C 25 12.96 -27.43 -36.81
C PRO C 25 11.82 -28.29 -36.25
N ARG C 26 11.35 -27.99 -35.05
CA ARG C 26 10.16 -28.65 -34.47
C ARG C 26 8.89 -28.04 -35.08
N ILE C 27 7.73 -28.63 -34.79
CA ILE C 27 6.44 -28.21 -35.40
C ILE C 27 6.17 -26.74 -35.06
N TYR C 28 6.54 -26.28 -33.84
CA TYR C 28 6.26 -24.89 -33.39
C TYR C 28 7.23 -23.89 -34.03
N GLU C 29 8.25 -24.39 -34.74
CA GLU C 29 9.34 -23.57 -35.36
C GLU C 29 9.16 -23.52 -36.90
N LEU C 30 8.00 -23.93 -37.41
CA LEU C 30 7.65 -23.87 -38.85
C LEU C 30 6.66 -22.73 -39.05
N PRO C 31 6.54 -22.14 -40.25
CA PRO C 31 5.46 -21.16 -40.46
C PRO C 31 4.14 -21.85 -40.06
N VAL C 32 3.19 -21.13 -39.46
CA VAL C 32 1.99 -21.81 -38.88
C VAL C 32 1.29 -22.65 -39.95
N GLU C 33 1.34 -22.25 -41.22
CA GLU C 33 0.62 -22.99 -42.31
C GLU C 33 1.27 -24.35 -42.47
N GLU C 34 2.60 -24.41 -42.42
CA GLU C 34 3.36 -25.68 -42.54
C GLU C 34 3.21 -26.50 -41.25
N GLY C 35 3.04 -25.86 -40.09
CA GLY C 35 2.82 -26.59 -38.82
C GLY C 35 1.45 -27.27 -38.84
N ARG C 36 0.46 -26.59 -39.38
CA ARG C 36 -0.89 -27.17 -39.55
C ARG C 36 -0.84 -28.36 -40.52
N SER C 37 -0.13 -28.23 -41.66
CA SER C 37 0.01 -29.33 -42.65
C SER C 37 0.73 -30.53 -42.02
N LEU C 38 1.78 -30.28 -41.25
CA LEU C 38 2.56 -31.38 -40.61
C LEU C 38 1.63 -32.17 -39.69
N LEU C 39 0.80 -31.51 -38.87
CA LEU C 39 -0.03 -32.27 -37.91
C LEU C 39 -1.08 -33.08 -38.69
N ASN C 40 -1.61 -32.54 -39.78
CA ASN C 40 -2.58 -33.20 -40.70
C ASN C 40 -1.98 -34.50 -41.26
N GLU C 41 -0.70 -34.45 -41.59
CA GLU C 41 0.10 -35.55 -42.17
C GLU C 41 0.32 -36.62 -41.10
N VAL C 42 0.68 -36.20 -39.89
CA VAL C 42 0.86 -37.10 -38.72
C VAL C 42 -0.45 -37.88 -38.54
N GLN C 43 -1.57 -37.18 -38.66
CA GLN C 43 -2.90 -37.78 -38.38
C GLN C 43 -3.51 -38.40 -39.66
N ASP C 44 -2.67 -38.61 -40.67
CA ASP C 44 -2.97 -39.51 -41.84
C ASP C 44 -2.40 -40.91 -41.58
N SER C 45 -1.54 -41.10 -40.58
CA SER C 45 -0.97 -42.43 -40.27
C SER C 45 -2.13 -43.39 -39.94
N PRO C 46 -1.97 -44.71 -40.18
CA PRO C 46 -3.11 -45.62 -40.11
C PRO C 46 -3.62 -45.76 -38.67
N VAL C 47 -4.94 -45.92 -38.54
CA VAL C 47 -5.60 -46.21 -37.24
C VAL C 47 -7.01 -46.72 -37.57
N VAL C 48 -7.51 -47.64 -36.75
CA VAL C 48 -8.93 -48.11 -36.70
C VAL C 48 -9.78 -46.92 -36.24
N LYS C 49 -10.83 -46.58 -37.01
CA LYS C 49 -11.75 -45.45 -36.70
C LYS C 49 -13.19 -45.97 -36.65
N GLU C 50 -13.91 -45.64 -35.58
CA GLU C 50 -15.31 -46.01 -35.39
C GLU C 50 -16.12 -45.32 -36.49
N ASP C 51 -17.20 -45.95 -36.94
CA ASP C 51 -18.09 -45.44 -38.02
C ASP C 51 -19.17 -44.49 -37.45
N VAL C 52 -19.40 -43.39 -38.16
CA VAL C 52 -20.30 -42.28 -37.74
C VAL C 52 -20.84 -41.61 -39.00
N ASP C 53 -21.96 -40.91 -38.86
CA ASP C 53 -22.43 -39.85 -39.81
C ASP C 53 -21.82 -38.52 -39.39
N ILE C 54 -21.40 -37.74 -40.38
CA ILE C 54 -20.73 -36.42 -40.25
C ILE C 54 -21.60 -35.41 -41.00
N GLU C 55 -21.91 -34.27 -40.37
CA GLU C 55 -22.44 -33.08 -41.08
C GLU C 55 -21.64 -31.86 -40.59
N ASP C 56 -21.01 -31.14 -41.50
CA ASP C 56 -20.34 -29.83 -41.24
C ASP C 56 -21.35 -28.73 -41.47
N ILE C 57 -21.57 -27.88 -40.47
CA ILE C 57 -22.56 -26.76 -40.49
C ILE C 57 -21.84 -25.45 -40.15
N ALA C 58 -21.97 -24.45 -41.01
CA ALA C 58 -21.51 -23.06 -40.79
C ALA C 58 -22.33 -22.49 -39.63
N VAL C 59 -21.70 -21.99 -38.57
CA VAL C 59 -22.43 -21.43 -37.40
C VAL C 59 -21.99 -19.98 -37.22
N ASP C 60 -22.95 -19.07 -37.10
CA ASP C 60 -22.68 -17.62 -36.96
C ASP C 60 -22.62 -17.30 -35.48
N THR C 61 -21.49 -16.78 -34.99
CA THR C 61 -21.31 -16.44 -33.56
C THR C 61 -21.41 -14.92 -33.38
N GLY C 62 -22.07 -14.26 -34.34
CA GLY C 62 -22.29 -12.80 -34.38
C GLY C 62 -21.00 -12.03 -34.30
N GLU C 63 -20.73 -11.40 -33.15
CA GLU C 63 -19.53 -10.56 -32.94
C GLU C 63 -18.24 -11.25 -33.41
N TRP C 64 -18.09 -12.55 -33.14
CA TRP C 64 -16.80 -13.26 -33.32
C TRP C 64 -16.79 -14.10 -34.60
N GLY C 65 -17.83 -13.96 -35.44
CA GLY C 65 -17.79 -14.40 -36.83
C GLY C 65 -18.37 -15.77 -37.03
N GLU C 66 -18.16 -16.30 -38.23
CA GLU C 66 -18.71 -17.59 -38.75
C GLU C 66 -17.60 -18.64 -38.69
N ILE C 67 -17.91 -19.84 -38.18
CA ILE C 67 -16.95 -20.98 -38.11
C ILE C 67 -17.68 -22.23 -38.55
N ASN C 68 -16.93 -23.23 -39.01
CA ASN C 68 -17.49 -24.59 -39.19
C ASN C 68 -17.66 -25.27 -37.83
N VAL C 69 -18.83 -25.90 -37.61
CA VAL C 69 -19.10 -26.81 -36.47
C VAL C 69 -19.46 -28.18 -37.06
N ARG C 70 -18.70 -29.22 -36.72
CA ARG C 70 -18.90 -30.59 -37.20
C ARG C 70 -19.76 -31.33 -36.18
N PHE C 71 -20.83 -31.98 -36.66
CA PHE C 71 -21.76 -32.81 -35.86
C PHE C 71 -21.53 -34.25 -36.27
N ILE C 72 -21.39 -35.10 -35.27
CA ILE C 72 -20.99 -36.53 -35.45
C ILE C 72 -22.00 -37.36 -34.68
N ARG C 73 -22.51 -38.41 -35.32
CA ARG C 73 -23.60 -39.29 -34.80
C ARG C 73 -23.18 -40.71 -35.11
N PRO C 74 -23.34 -41.67 -34.17
CA PRO C 74 -23.17 -43.07 -34.51
C PRO C 74 -24.35 -43.53 -35.39
N LEU C 75 -24.06 -44.44 -36.34
CA LEU C 75 -25.00 -44.99 -37.36
C LEU C 75 -26.23 -45.63 -36.68
N HIS C 76 -27.37 -45.69 -37.38
CA HIS C 76 -28.55 -46.54 -37.05
C HIS C 76 -29.09 -46.23 -35.65
N GLN C 77 -29.09 -44.96 -35.24
CA GLN C 77 -29.61 -44.49 -33.91
C GLN C 77 -30.81 -43.58 -34.13
N GLU C 78 -32.01 -44.02 -33.73
CA GLU C 78 -33.29 -43.31 -34.04
C GLU C 78 -33.67 -42.42 -32.85
N LYS C 79 -33.43 -42.88 -31.62
CA LYS C 79 -33.74 -42.13 -30.38
C LYS C 79 -32.93 -40.83 -30.30
N LYS C 80 -33.31 -39.96 -29.35
CA LYS C 80 -32.59 -38.70 -28.97
C LYS C 80 -31.35 -39.09 -28.16
N LEU C 81 -30.15 -38.70 -28.58
CA LEU C 81 -28.89 -39.07 -27.88
C LEU C 81 -28.45 -37.94 -26.95
N PRO C 82 -27.59 -38.20 -25.93
CA PRO C 82 -26.95 -37.11 -25.20
C PRO C 82 -25.87 -36.51 -26.11
N VAL C 83 -25.36 -35.35 -25.69
CA VAL C 83 -24.49 -34.50 -26.54
C VAL C 83 -23.20 -34.18 -25.77
N ILE C 84 -22.09 -34.27 -26.48
CA ILE C 84 -20.72 -33.90 -26.00
C ILE C 84 -20.30 -32.70 -26.85
N PHE C 85 -20.07 -31.55 -26.24
CA PHE C 85 -19.47 -30.39 -26.94
C PHE C 85 -17.95 -30.51 -26.76
N TYR C 86 -17.25 -30.85 -27.84
CA TYR C 86 -15.79 -31.15 -27.88
C TYR C 86 -15.01 -29.95 -28.41
N ILE C 87 -14.05 -29.45 -27.62
CA ILE C 87 -13.08 -28.39 -28.03
C ILE C 87 -11.66 -28.98 -28.16
N HIS C 88 -11.10 -28.94 -29.38
CA HIS C 88 -9.78 -29.54 -29.72
C HIS C 88 -8.63 -28.72 -29.13
N GLY C 89 -7.54 -29.41 -28.81
CA GLY C 89 -6.23 -28.83 -28.49
C GLY C 89 -5.32 -28.81 -29.69
N ALA C 90 -4.03 -28.59 -29.41
CA ALA C 90 -2.87 -28.36 -30.31
C ALA C 90 -2.45 -26.87 -30.32
N GLY C 91 -2.51 -26.21 -29.16
CA GLY C 91 -1.65 -25.07 -28.81
C GLY C 91 -2.27 -23.76 -29.22
N TRP C 92 -3.58 -23.77 -29.52
CA TRP C 92 -4.41 -22.68 -30.11
C TRP C 92 -4.03 -22.42 -31.56
N VAL C 93 -3.01 -23.10 -32.08
CA VAL C 93 -2.38 -22.77 -33.39
C VAL C 93 -2.73 -23.84 -34.44
N PHE C 94 -2.87 -25.10 -34.02
CA PHE C 94 -3.09 -26.27 -34.91
C PHE C 94 -4.42 -26.91 -34.50
N GLY C 95 -4.78 -27.97 -35.23
CA GLY C 95 -5.91 -28.86 -34.90
C GLY C 95 -7.10 -28.58 -35.80
N ASN C 96 -7.91 -29.61 -36.03
CA ASN C 96 -9.12 -29.51 -36.89
C ASN C 96 -9.90 -30.84 -36.80
N ALA C 97 -11.01 -30.96 -37.52
CA ALA C 97 -11.89 -32.13 -37.49
C ALA C 97 -11.09 -33.38 -37.86
N HIS C 98 -10.12 -33.24 -38.75
CA HIS C 98 -9.29 -34.35 -39.25
C HIS C 98 -8.29 -34.80 -38.17
N THR C 99 -7.60 -33.88 -37.48
CA THR C 99 -6.50 -34.19 -36.52
C THR C 99 -7.06 -34.95 -35.31
N HIS C 100 -8.30 -34.64 -34.96
CA HIS C 100 -9.01 -35.19 -33.78
C HIS C 100 -10.08 -36.22 -34.21
N ASP C 101 -10.04 -36.68 -35.46
CA ASP C 101 -11.10 -37.54 -36.04
C ASP C 101 -11.24 -38.85 -35.24
N LYS C 102 -10.19 -39.66 -35.13
CA LYS C 102 -10.23 -40.95 -34.38
C LYS C 102 -10.84 -40.75 -32.99
N LEU C 103 -10.36 -39.76 -32.22
CA LEU C 103 -10.81 -39.49 -30.82
C LEU C 103 -12.32 -39.20 -30.74
N ILE C 104 -12.81 -38.23 -31.51
CA ILE C 104 -14.23 -37.80 -31.41
C ILE C 104 -15.17 -38.92 -31.92
N ARG C 105 -14.77 -39.68 -32.94
CA ARG C 105 -15.51 -40.89 -33.39
C ARG C 105 -15.62 -41.88 -32.24
N GLU C 106 -14.51 -42.11 -31.51
CA GLU C 106 -14.47 -43.07 -30.36
C GLU C 106 -15.43 -42.59 -29.28
N LEU C 107 -15.39 -41.31 -28.92
CA LEU C 107 -16.31 -40.72 -27.91
C LEU C 107 -17.77 -40.89 -28.37
N ALA C 108 -18.05 -40.53 -29.62
CA ALA C 108 -19.40 -40.60 -30.21
C ALA C 108 -19.92 -42.04 -30.05
N VAL C 109 -19.17 -43.03 -30.54
CA VAL C 109 -19.64 -44.44 -30.58
C VAL C 109 -19.71 -45.02 -29.17
N ARG C 110 -18.65 -44.90 -28.36
CA ARG C 110 -18.56 -45.61 -27.05
C ARG C 110 -19.47 -45.00 -25.98
N THR C 111 -19.95 -43.79 -26.15
CA THR C 111 -20.91 -43.16 -25.22
C THR C 111 -22.28 -43.03 -25.89
N ASN C 112 -22.38 -43.42 -27.17
CA ASN C 112 -23.59 -43.32 -28.03
C ASN C 112 -24.17 -41.91 -27.88
N SER C 113 -23.36 -40.92 -28.27
CA SER C 113 -23.67 -39.48 -28.11
C SER C 113 -23.45 -38.79 -29.44
N VAL C 114 -24.18 -37.69 -29.66
CA VAL C 114 -23.80 -36.69 -30.69
C VAL C 114 -22.59 -35.94 -30.14
N VAL C 115 -21.54 -35.81 -30.95
CA VAL C 115 -20.35 -34.96 -30.64
C VAL C 115 -20.42 -33.70 -31.52
N VAL C 116 -20.32 -32.54 -30.89
CA VAL C 116 -20.35 -31.21 -31.55
C VAL C 116 -18.93 -30.62 -31.44
N PHE C 117 -18.24 -30.51 -32.57
CA PHE C 117 -16.82 -30.14 -32.68
C PHE C 117 -16.71 -28.76 -33.32
N SER C 118 -16.43 -27.72 -32.53
CA SER C 118 -16.33 -26.32 -33.04
C SER C 118 -14.91 -26.04 -33.52
N GLU C 119 -14.77 -25.65 -34.78
CA GLU C 119 -13.48 -25.28 -35.41
C GLU C 119 -13.32 -23.78 -35.19
N TYR C 120 -13.06 -23.43 -33.93
CA TYR C 120 -12.77 -22.06 -33.46
C TYR C 120 -11.62 -21.53 -34.31
N SER C 121 -11.50 -20.20 -34.34
CA SER C 121 -10.41 -19.47 -35.04
C SER C 121 -9.07 -19.70 -34.32
N LEU C 122 -8.07 -20.07 -35.10
CA LEU C 122 -6.72 -20.44 -34.61
C LEU C 122 -5.90 -19.17 -34.39
N SER C 123 -4.94 -19.26 -33.49
CA SER C 123 -3.90 -18.23 -33.22
C SER C 123 -2.72 -18.54 -34.11
N PRO C 124 -1.81 -17.59 -34.42
CA PRO C 124 -1.88 -16.21 -33.95
C PRO C 124 -2.85 -15.24 -34.66
N GLU C 125 -3.50 -15.68 -35.74
CA GLU C 125 -4.41 -14.84 -36.58
C GLU C 125 -5.56 -14.32 -35.70
N ALA C 126 -6.10 -15.17 -34.84
CA ALA C 126 -7.04 -14.81 -33.76
C ALA C 126 -6.32 -14.91 -32.42
N LYS C 127 -6.67 -14.01 -31.52
CA LYS C 127 -6.09 -13.91 -30.17
C LYS C 127 -7.20 -14.19 -29.15
N TYR C 128 -6.82 -14.49 -27.91
CA TYR C 128 -7.74 -14.41 -26.75
C TYR C 128 -8.47 -13.06 -26.81
N PRO C 129 -9.78 -12.97 -26.50
CA PRO C 129 -10.61 -14.12 -26.14
C PRO C 129 -11.49 -14.71 -27.27
N THR C 130 -11.02 -14.67 -28.52
CA THR C 130 -11.91 -14.96 -29.68
C THR C 130 -12.45 -16.38 -29.59
N ALA C 131 -11.57 -17.36 -29.44
CA ALA C 131 -11.93 -18.79 -29.48
C ALA C 131 -12.87 -19.13 -28.33
N ILE C 132 -12.63 -18.61 -27.10
CA ILE C 132 -13.56 -18.97 -25.99
C ILE C 132 -14.93 -18.35 -26.28
N GLU C 133 -14.99 -17.15 -26.89
CA GLU C 133 -16.30 -16.49 -27.13
C GLU C 133 -17.01 -17.27 -28.23
N GLN C 134 -16.30 -17.73 -29.24
CA GLN C 134 -16.90 -18.52 -30.35
C GLN C 134 -17.49 -19.79 -29.77
N ASN C 135 -16.68 -20.53 -28.99
CA ASN C 135 -17.12 -21.82 -28.37
C ASN C 135 -18.36 -21.56 -27.50
N TYR C 136 -18.35 -20.53 -26.69
CA TYR C 136 -19.49 -20.19 -25.81
C TYR C 136 -20.77 -19.97 -26.64
N ALA C 137 -20.64 -19.28 -27.75
CA ALA C 137 -21.77 -18.90 -28.62
C ALA C 137 -22.34 -20.17 -29.28
N VAL C 138 -21.49 -21.11 -29.69
CA VAL C 138 -21.99 -22.42 -30.21
C VAL C 138 -22.78 -23.11 -29.10
N LEU C 139 -22.26 -23.16 -27.87
CA LEU C 139 -22.97 -23.78 -26.73
C LEU C 139 -24.39 -23.19 -26.58
N GLN C 140 -24.56 -21.87 -26.77
CA GLN C 140 -25.88 -21.22 -26.52
C GLN C 140 -26.83 -21.53 -27.68
N GLN C 141 -26.31 -22.01 -28.80
CA GLN C 141 -27.12 -22.34 -29.99
C GLN C 141 -27.41 -23.84 -30.10
N LEU C 142 -26.89 -24.69 -29.20
CA LEU C 142 -27.12 -26.16 -29.26
C LEU C 142 -28.63 -26.45 -29.21
N LYS C 143 -29.40 -25.72 -28.39
CA LYS C 143 -30.87 -25.95 -28.25
C LYS C 143 -31.53 -25.75 -29.61
N ASP C 144 -30.98 -24.89 -30.47
CA ASP C 144 -31.53 -24.57 -31.81
C ASP C 144 -31.26 -25.71 -32.78
N PHE C 145 -30.32 -26.62 -32.48
CA PHE C 145 -29.96 -27.73 -33.41
C PHE C 145 -30.50 -29.06 -32.90
N ALA C 146 -30.95 -29.11 -31.63
CA ALA C 146 -31.26 -30.35 -30.89
C ALA C 146 -32.18 -31.27 -31.72
N ASN C 147 -33.16 -30.68 -32.43
CA ASN C 147 -34.27 -31.40 -33.13
C ASN C 147 -33.75 -32.14 -34.36
N ASP C 148 -33.26 -31.44 -35.39
CA ASP C 148 -32.79 -32.06 -36.67
C ASP C 148 -31.62 -33.02 -36.38
N LYS C 149 -30.79 -32.67 -35.38
CA LYS C 149 -29.52 -33.37 -35.06
C LYS C 149 -29.80 -34.47 -34.02
N LYS C 150 -30.98 -34.41 -33.39
CA LYS C 150 -31.60 -35.51 -32.59
C LYS C 150 -30.75 -35.83 -31.36
N PHE C 151 -30.57 -34.81 -30.51
CA PHE C 151 -29.87 -34.93 -29.20
C PHE C 151 -30.67 -34.16 -28.14
N ASP C 152 -30.39 -34.47 -26.89
CA ASP C 152 -31.04 -33.89 -25.70
C ASP C 152 -30.04 -32.94 -25.04
N VAL C 153 -30.24 -31.63 -25.19
CA VAL C 153 -29.32 -30.59 -24.69
C VAL C 153 -29.27 -30.58 -23.14
N ASN C 154 -30.14 -31.32 -22.46
CA ASN C 154 -30.13 -31.42 -20.98
C ASN C 154 -29.25 -32.61 -20.55
N HIS C 155 -28.60 -33.28 -21.49
CA HIS C 155 -27.53 -34.28 -21.22
C HIS C 155 -26.27 -33.83 -21.96
N LEU C 156 -25.72 -32.71 -21.48
CA LEU C 156 -24.61 -31.95 -22.11
C LEU C 156 -23.33 -32.12 -21.30
N THR C 157 -22.33 -32.74 -21.93
CA THR C 157 -20.93 -32.87 -21.47
C THR C 157 -20.04 -31.96 -22.31
N VAL C 158 -19.15 -31.23 -21.65
CA VAL C 158 -18.09 -30.42 -22.31
C VAL C 158 -16.75 -31.14 -22.08
N ALA C 159 -16.00 -31.34 -23.15
CA ALA C 159 -14.74 -32.12 -23.15
C ALA C 159 -13.72 -31.41 -24.06
N GLY C 160 -12.43 -31.58 -23.76
CA GLY C 160 -11.36 -31.09 -24.63
C GLY C 160 -10.00 -31.54 -24.16
N ASP C 161 -9.03 -31.40 -25.04
CA ASP C 161 -7.66 -31.93 -24.83
C ASP C 161 -6.74 -30.72 -24.80
N SER C 162 -5.86 -30.63 -23.81
CA SER C 162 -4.76 -29.64 -23.83
C SER C 162 -5.39 -28.24 -23.81
N VAL C 163 -5.16 -27.35 -24.78
CA VAL C 163 -5.76 -25.98 -24.73
C VAL C 163 -7.29 -26.09 -24.85
N GLY C 164 -7.77 -27.19 -25.44
CA GLY C 164 -9.21 -27.45 -25.51
C GLY C 164 -9.77 -27.76 -24.15
N GLY C 165 -9.04 -28.50 -23.30
CA GLY C 165 -9.42 -28.71 -21.89
C GLY C 165 -9.45 -27.41 -21.11
N ASN C 166 -8.52 -26.50 -21.40
CA ASN C 166 -8.51 -25.10 -20.86
C ASN C 166 -9.85 -24.46 -21.22
N MET C 167 -10.22 -24.51 -22.47
CA MET C 167 -11.41 -23.77 -22.99
C MET C 167 -12.69 -24.49 -22.53
N ALA C 168 -12.67 -25.82 -22.44
CA ALA C 168 -13.77 -26.63 -21.87
C ALA C 168 -14.09 -26.20 -20.43
N THR C 169 -13.11 -26.12 -19.55
CA THR C 169 -13.38 -25.74 -18.13
C THR C 169 -13.79 -24.26 -18.07
N VAL C 170 -13.24 -23.44 -18.97
CA VAL C 170 -13.61 -22.00 -19.10
C VAL C 170 -15.07 -21.92 -19.57
N MET C 171 -15.54 -22.82 -20.43
CA MET C 171 -16.96 -22.80 -20.84
C MET C 171 -17.81 -22.89 -19.56
N THR C 172 -17.42 -23.72 -18.59
CA THR C 172 -18.20 -23.92 -17.34
C THR C 172 -18.21 -22.62 -16.50
N LEU C 173 -17.10 -21.90 -16.49
CA LEU C 173 -16.96 -20.64 -15.71
C LEU C 173 -17.83 -19.53 -16.35
N LEU C 174 -17.79 -19.44 -17.67
CA LEU C 174 -18.59 -18.46 -18.46
C LEU C 174 -20.07 -18.83 -18.32
N THR C 175 -20.38 -20.11 -18.37
CA THR C 175 -21.76 -20.63 -18.26
C THR C 175 -22.30 -20.20 -16.89
N LYS C 176 -21.54 -20.38 -15.81
CA LYS C 176 -21.98 -20.05 -14.43
C LYS C 176 -22.17 -18.53 -14.29
N GLN C 177 -21.26 -17.73 -14.85
CA GLN C 177 -21.28 -16.25 -14.71
C GLN C 177 -22.47 -15.65 -15.49
N ARG C 178 -22.81 -16.22 -16.64
CA ARG C 178 -23.74 -15.61 -17.64
C ARG C 178 -25.14 -16.22 -17.57
N GLY C 179 -25.29 -17.32 -16.82
CA GLY C 179 -26.52 -18.12 -16.71
C GLY C 179 -26.82 -18.86 -18.00
N GLY C 180 -25.81 -19.35 -18.71
CA GLY C 180 -26.00 -20.01 -20.00
C GLY C 180 -26.51 -21.45 -19.90
N GLN C 181 -26.49 -22.14 -21.03
CA GLN C 181 -26.97 -23.54 -21.17
C GLN C 181 -26.24 -24.40 -20.14
N LYS C 182 -27.00 -25.03 -19.25
CA LYS C 182 -26.49 -25.91 -18.18
C LYS C 182 -25.55 -26.97 -18.77
N ILE C 183 -24.32 -27.06 -18.24
CA ILE C 183 -23.39 -28.18 -18.51
C ILE C 183 -23.50 -29.17 -17.35
N GLY C 184 -23.74 -30.45 -17.64
CA GLY C 184 -23.81 -31.51 -16.60
C GLY C 184 -22.43 -31.87 -16.04
N GLN C 185 -21.43 -32.02 -16.93
CA GLN C 185 -20.09 -32.62 -16.62
C GLN C 185 -19.01 -32.03 -17.54
N GLN C 186 -17.75 -32.21 -17.15
CA GLN C 186 -16.59 -31.71 -17.93
C GLN C 186 -15.47 -32.77 -17.88
N VAL C 187 -14.93 -33.10 -19.03
CA VAL C 187 -13.86 -34.12 -19.20
C VAL C 187 -12.66 -33.39 -19.79
N LEU C 188 -11.60 -33.28 -19.04
CA LEU C 188 -10.39 -32.54 -19.46
C LEU C 188 -9.26 -33.55 -19.63
N TYR C 189 -8.79 -33.73 -20.87
CA TYR C 189 -7.59 -34.52 -21.19
C TYR C 189 -6.40 -33.56 -21.14
N TYR C 190 -5.47 -33.85 -20.22
CA TYR C 190 -4.18 -33.16 -20.06
C TYR C 190 -4.37 -31.67 -20.38
N PRO C 191 -5.25 -30.97 -19.65
CA PRO C 191 -5.53 -29.57 -19.93
C PRO C 191 -4.35 -28.64 -19.62
N VAL C 192 -4.30 -27.52 -20.35
CA VAL C 192 -3.47 -26.35 -19.98
C VAL C 192 -4.29 -25.61 -18.93
N THR C 193 -3.71 -25.19 -17.80
CA THR C 193 -4.55 -24.46 -16.81
C THR C 193 -3.91 -23.16 -16.34
N ASP C 194 -2.64 -22.90 -16.68
CA ASP C 194 -1.91 -21.77 -16.08
C ASP C 194 -0.77 -21.30 -16.98
N ALA C 195 -0.63 -19.99 -17.19
CA ALA C 195 0.50 -19.39 -17.95
C ALA C 195 1.72 -19.23 -17.03
N ASN C 196 2.14 -20.32 -16.37
CA ASN C 196 3.36 -20.37 -15.52
C ASN C 196 4.19 -21.56 -16.01
N PHE C 197 5.50 -21.38 -16.13
CA PHE C 197 6.42 -22.32 -16.82
C PHE C 197 7.48 -22.84 -15.84
N ASP C 198 7.15 -22.92 -14.55
CA ASP C 198 8.13 -23.21 -13.46
C ASP C 198 7.59 -24.30 -12.51
N THR C 199 6.54 -25.02 -12.85
CA THR C 199 6.11 -26.24 -12.12
C THR C 199 7.21 -27.30 -12.22
N ASP C 200 7.23 -28.23 -11.29
CA ASP C 200 8.25 -29.31 -11.26
C ASP C 200 8.22 -30.07 -12.60
N SER C 201 7.01 -30.37 -13.11
CA SER C 201 6.81 -31.12 -14.38
C SER C 201 7.29 -30.28 -15.57
N TYR C 202 7.14 -28.94 -15.57
CA TYR C 202 7.57 -28.05 -16.67
C TYR C 202 9.10 -28.15 -16.72
N ASN C 203 9.75 -28.29 -15.56
CA ASN C 203 11.22 -28.34 -15.47
C ASN C 203 11.72 -29.73 -15.87
N GLU C 204 11.16 -30.80 -15.31
CA GLU C 204 11.64 -32.19 -15.52
C GLU C 204 11.42 -32.60 -16.99
N PHE C 205 10.27 -32.24 -17.59
CA PHE C 205 9.89 -32.68 -18.95
C PHE C 205 10.06 -31.55 -19.97
N ALA C 206 10.88 -30.52 -19.68
CA ALA C 206 11.04 -29.27 -20.50
C ALA C 206 11.47 -29.62 -21.94
N GLU C 207 12.15 -30.75 -22.12
CA GLU C 207 12.74 -31.20 -23.40
C GLU C 207 12.63 -32.74 -23.51
N ASN C 208 12.56 -33.25 -24.74
CA ASN C 208 12.70 -34.69 -25.10
C ASN C 208 11.39 -35.45 -24.89
N TYR C 209 10.28 -34.78 -24.56
CA TYR C 209 8.98 -35.48 -24.40
C TYR C 209 7.96 -34.88 -25.36
N PHE C 210 8.41 -34.58 -26.59
CA PHE C 210 7.56 -34.07 -27.68
C PHE C 210 7.11 -32.63 -27.37
N LEU C 211 6.19 -32.46 -26.42
CA LEU C 211 5.80 -31.10 -25.97
C LEU C 211 6.90 -30.57 -25.07
N THR C 212 7.42 -29.39 -25.42
CA THR C 212 8.53 -28.69 -24.75
C THR C 212 8.03 -27.46 -23.99
N LYS C 213 8.80 -27.05 -22.99
CA LYS C 213 8.61 -25.78 -22.29
C LYS C 213 8.67 -24.64 -23.31
N GLU C 214 9.71 -24.59 -24.14
CA GLU C 214 9.90 -23.59 -25.20
C GLU C 214 8.63 -23.52 -26.06
N GLY C 215 8.12 -24.69 -26.48
CA GLY C 215 6.94 -24.77 -27.35
C GLY C 215 5.70 -24.21 -26.66
N MET C 216 5.49 -24.57 -25.39
CA MET C 216 4.34 -24.08 -24.61
C MET C 216 4.42 -22.55 -24.45
N ILE C 217 5.61 -21.98 -24.27
CA ILE C 217 5.78 -20.51 -24.11
C ILE C 217 5.40 -19.89 -25.46
N TRP C 218 5.83 -20.51 -26.56
CA TRP C 218 5.51 -20.02 -27.92
C TRP C 218 4.00 -20.10 -28.19
N PHE C 219 3.33 -21.19 -27.79
CA PHE C 219 1.86 -21.37 -27.95
C PHE C 219 1.12 -20.26 -27.20
N TRP C 220 1.45 -20.06 -25.92
CA TRP C 220 0.88 -18.95 -25.11
C TRP C 220 1.12 -17.59 -25.80
N ASP C 221 2.35 -17.36 -26.29
CA ASP C 221 2.70 -16.09 -26.98
C ASP C 221 1.84 -15.90 -28.22
N GLN C 222 1.37 -16.96 -28.89
CA GLN C 222 0.51 -16.85 -30.11
C GLN C 222 -0.92 -16.47 -29.70
N TYR C 223 -1.32 -16.91 -28.51
CA TYR C 223 -2.71 -16.80 -28.02
C TYR C 223 -2.92 -15.38 -27.45
N THR C 224 -1.97 -14.92 -26.62
CA THR C 224 -1.93 -13.54 -26.04
C THR C 224 -0.64 -13.29 -25.27
N THR C 225 0.04 -12.19 -25.57
CA THR C 225 1.25 -11.74 -24.82
C THR C 225 0.87 -10.89 -23.58
N SER C 226 -0.37 -10.40 -23.44
CA SER C 226 -0.74 -9.56 -22.28
C SER C 226 -0.55 -10.38 -21.00
N GLN C 227 0.33 -9.95 -20.10
CA GLN C 227 0.43 -10.56 -18.73
C GLN C 227 -0.91 -10.39 -18.01
N GLU C 228 -1.56 -9.26 -18.19
CA GLU C 228 -2.84 -9.01 -17.52
C GLU C 228 -3.86 -10.05 -18.01
N GLU C 229 -3.92 -10.38 -19.31
CA GLU C 229 -4.94 -11.32 -19.85
C GLU C 229 -4.66 -12.73 -19.30
N ARG C 230 -3.37 -13.10 -19.19
CA ARG C 230 -2.89 -14.43 -18.70
C ARG C 230 -3.29 -14.67 -17.23
N HIS C 231 -3.49 -13.61 -16.44
CA HIS C 231 -3.86 -13.66 -15.00
C HIS C 231 -5.39 -13.88 -14.86
N GLN C 232 -6.17 -13.61 -15.90
CA GLN C 232 -7.64 -13.78 -15.85
C GLN C 232 -7.97 -15.28 -15.81
N ILE C 233 -8.99 -15.62 -15.05
CA ILE C 233 -9.42 -17.02 -14.84
C ILE C 233 -9.92 -17.64 -16.16
N THR C 234 -10.25 -16.83 -17.17
CA THR C 234 -10.74 -17.31 -18.48
C THR C 234 -9.56 -17.61 -19.43
N ALA C 235 -8.34 -17.22 -19.04
CA ALA C 235 -7.07 -17.71 -19.67
C ALA C 235 -6.44 -18.81 -18.81
N SER C 236 -6.20 -18.54 -17.52
CA SER C 236 -5.49 -19.41 -16.55
C SER C 236 -6.44 -19.81 -15.43
N PRO C 237 -7.36 -20.79 -15.65
CA PRO C 237 -8.36 -21.13 -14.64
C PRO C 237 -7.77 -21.64 -13.32
N LEU C 238 -6.49 -22.02 -13.29
CA LEU C 238 -5.81 -22.41 -12.04
C LEU C 238 -5.80 -21.20 -11.10
N ARG C 239 -5.92 -19.97 -11.62
CA ARG C 239 -5.88 -18.78 -10.71
C ARG C 239 -7.28 -18.49 -10.15
N ALA C 240 -8.29 -19.30 -10.46
CA ALA C 240 -9.66 -19.13 -9.91
C ALA C 240 -9.68 -19.27 -8.38
N THR C 241 -10.50 -18.46 -7.71
CA THR C 241 -10.74 -18.54 -6.24
C THR C 241 -11.72 -19.67 -5.96
N LYS C 242 -11.94 -19.95 -4.68
CA LYS C 242 -12.88 -21.00 -4.21
C LYS C 242 -14.27 -20.60 -4.63
N GLU C 243 -14.58 -19.31 -4.58
CA GLU C 243 -15.92 -18.77 -4.99
C GLU C 243 -16.13 -18.90 -6.50
N ASP C 244 -15.09 -18.57 -7.28
CA ASP C 244 -15.09 -18.73 -8.77
C ASP C 244 -15.48 -20.16 -9.14
N LEU C 245 -14.93 -21.18 -8.46
CA LEU C 245 -15.04 -22.62 -8.83
C LEU C 245 -16.27 -23.28 -8.21
N ALA C 246 -16.93 -22.69 -7.20
CA ALA C 246 -18.14 -23.24 -6.55
C ALA C 246 -19.22 -23.63 -7.56
N ASP C 247 -19.82 -24.79 -7.38
CA ASP C 247 -21.03 -25.27 -8.11
C ASP C 247 -20.72 -25.51 -9.59
N LEU C 248 -19.45 -25.46 -10.00
CA LEU C 248 -19.04 -25.89 -11.37
C LEU C 248 -19.37 -27.37 -11.55
N PRO C 249 -19.54 -27.83 -12.81
CA PRO C 249 -19.91 -29.21 -13.07
C PRO C 249 -18.84 -30.22 -12.66
N ALA C 250 -19.27 -31.45 -12.38
CA ALA C 250 -18.40 -32.60 -12.03
C ALA C 250 -17.34 -32.73 -13.11
N ALA C 251 -16.09 -32.94 -12.68
CA ALA C 251 -14.91 -32.95 -13.55
C ALA C 251 -14.22 -34.33 -13.51
N LEU C 252 -13.90 -34.83 -14.70
CA LEU C 252 -12.90 -35.90 -14.91
C LEU C 252 -11.66 -35.21 -15.46
N ILE C 253 -10.53 -35.32 -14.76
CA ILE C 253 -9.25 -34.72 -15.21
C ILE C 253 -8.20 -35.82 -15.33
N ILE C 254 -7.79 -36.07 -16.57
CA ILE C 254 -6.82 -37.11 -16.94
C ILE C 254 -5.48 -36.42 -17.21
N THR C 255 -4.42 -36.86 -16.55
CA THR C 255 -3.04 -36.38 -16.76
C THR C 255 -2.15 -37.54 -17.20
N GLY C 256 -1.01 -37.18 -17.78
CA GLY C 256 0.07 -38.12 -18.12
C GLY C 256 1.33 -37.74 -17.39
N GLU C 257 2.11 -38.76 -17.04
CA GLU C 257 3.26 -38.62 -16.14
C GLU C 257 4.28 -37.70 -16.81
N ALA C 258 4.58 -37.94 -18.09
CA ALA C 258 5.73 -37.36 -18.83
C ALA C 258 5.26 -36.17 -19.68
N ASP C 259 4.82 -35.10 -19.01
CA ASP C 259 4.05 -33.99 -19.61
C ASP C 259 4.35 -32.73 -18.80
N VAL C 260 4.82 -31.68 -19.44
CA VAL C 260 5.10 -30.39 -18.75
C VAL C 260 3.81 -29.91 -18.04
N LEU C 261 2.64 -30.20 -18.59
CA LEU C 261 1.33 -29.68 -18.06
C LEU C 261 0.76 -30.52 -16.93
N ARG C 262 1.42 -31.59 -16.53
CA ARG C 262 0.89 -32.56 -15.54
C ARG C 262 0.55 -31.84 -14.23
N ASP C 263 1.52 -31.09 -13.71
CA ASP C 263 1.35 -30.52 -12.33
C ASP C 263 0.22 -29.50 -12.35
N GLU C 264 0.09 -28.67 -13.37
CA GLU C 264 -0.98 -27.64 -13.36
C GLU C 264 -2.36 -28.28 -13.52
N GLY C 265 -2.47 -29.40 -14.23
CA GLY C 265 -3.73 -30.14 -14.32
C GLY C 265 -4.11 -30.76 -12.98
N GLU C 266 -3.15 -31.36 -12.29
CA GLU C 266 -3.40 -32.00 -10.97
C GLU C 266 -3.71 -30.92 -9.94
N ALA C 267 -3.00 -29.79 -10.01
CA ALA C 267 -3.24 -28.64 -9.12
C ALA C 267 -4.65 -28.07 -9.34
N TYR C 268 -5.16 -28.04 -10.57
CA TYR C 268 -6.51 -27.52 -10.90
C TYR C 268 -7.58 -28.45 -10.32
N ALA C 269 -7.39 -29.77 -10.47
CA ALA C 269 -8.29 -30.80 -9.89
C ALA C 269 -8.33 -30.61 -8.38
N ARG C 270 -7.19 -30.36 -7.75
CA ARG C 270 -7.21 -30.07 -6.28
C ARG C 270 -8.01 -28.81 -6.01
N LYS C 271 -7.87 -27.75 -6.81
CA LYS C 271 -8.63 -26.49 -6.56
C LYS C 271 -10.15 -26.78 -6.67
N LEU C 272 -10.57 -27.59 -7.66
CA LEU C 272 -12.00 -27.93 -7.85
C LEU C 272 -12.46 -28.73 -6.63
N ARG C 273 -11.72 -29.74 -6.21
CA ARG C 273 -12.05 -30.56 -5.03
C ARG C 273 -12.26 -29.66 -3.79
N GLU C 274 -11.36 -28.71 -3.56
CA GLU C 274 -11.41 -27.84 -2.37
C GLU C 274 -12.60 -26.88 -2.50
N ALA C 275 -13.12 -26.65 -3.71
CA ALA C 275 -14.31 -25.81 -3.92
C ALA C 275 -15.59 -26.67 -3.87
N ASP C 276 -15.47 -27.96 -3.54
CA ASP C 276 -16.59 -28.92 -3.34
C ASP C 276 -17.15 -29.38 -4.69
N VAL C 277 -16.42 -29.21 -5.78
CA VAL C 277 -16.79 -29.82 -7.08
C VAL C 277 -16.47 -31.32 -6.99
N GLU C 278 -17.33 -32.19 -7.52
CA GLU C 278 -17.04 -33.62 -7.67
C GLU C 278 -15.89 -33.71 -8.65
N VAL C 279 -14.79 -34.36 -8.29
CA VAL C 279 -13.58 -34.45 -9.14
C VAL C 279 -13.10 -35.91 -9.20
N THR C 280 -12.92 -36.43 -10.42
CA THR C 280 -12.17 -37.69 -10.65
C THR C 280 -10.84 -37.33 -11.35
N GLN C 281 -9.72 -37.53 -10.66
CA GLN C 281 -8.37 -37.18 -11.18
C GLN C 281 -7.55 -38.46 -11.23
N VAL C 282 -7.01 -38.76 -12.42
CA VAL C 282 -6.22 -39.97 -12.70
C VAL C 282 -4.97 -39.59 -13.48
N ARG C 283 -3.82 -40.14 -13.10
CA ARG C 283 -2.55 -39.93 -13.84
C ARG C 283 -2.09 -41.26 -14.41
N PHE C 284 -1.86 -41.28 -15.71
CA PHE C 284 -1.36 -42.49 -16.42
C PHE C 284 0.16 -42.40 -16.43
N GLN C 285 0.85 -43.46 -16.02
CA GLN C 285 2.33 -43.55 -16.04
C GLN C 285 2.84 -43.61 -17.48
N ALA C 286 4.07 -43.15 -17.70
CA ALA C 286 4.91 -43.62 -18.82
C ALA C 286 4.27 -43.21 -20.15
N ILE C 287 3.65 -42.02 -20.16
CA ILE C 287 2.99 -41.52 -21.38
C ILE C 287 3.17 -40.01 -21.49
N ILE C 288 3.17 -39.51 -22.72
CA ILE C 288 3.49 -38.09 -23.05
C ILE C 288 2.19 -37.35 -23.32
N HIS C 289 2.29 -36.06 -23.60
CA HIS C 289 1.17 -35.21 -24.03
C HIS C 289 0.53 -35.79 -25.32
N ASP C 290 -0.78 -35.55 -25.51
CA ASP C 290 -1.58 -35.76 -26.76
C ASP C 290 -1.85 -37.25 -26.98
N PHE C 291 -1.82 -38.09 -25.93
CA PHE C 291 -1.81 -39.55 -26.10
C PHE C 291 -3.21 -40.05 -26.52
N VAL C 292 -4.27 -39.28 -26.30
CA VAL C 292 -5.62 -39.75 -26.75
C VAL C 292 -5.99 -39.23 -28.14
N MET C 293 -5.18 -38.34 -28.72
CA MET C 293 -5.47 -37.77 -30.04
C MET C 293 -4.57 -38.45 -31.07
N VAL C 294 -3.27 -38.58 -30.79
CA VAL C 294 -2.28 -38.96 -31.84
C VAL C 294 -2.50 -40.41 -32.26
N ASN C 295 -2.59 -40.67 -33.56
CA ASN C 295 -2.94 -41.99 -34.14
C ASN C 295 -1.93 -43.04 -33.69
N SER C 296 -0.63 -42.74 -33.74
CA SER C 296 0.43 -43.75 -33.46
C SER C 296 0.46 -44.12 -31.96
N MET C 297 -0.30 -43.43 -31.09
CA MET C 297 -0.38 -43.76 -29.63
C MET C 297 -1.75 -44.38 -29.32
N ASN C 298 -2.56 -44.72 -30.32
CA ASN C 298 -3.94 -45.21 -30.11
C ASN C 298 -3.95 -46.55 -29.36
N GLU C 299 -2.90 -47.36 -29.51
CA GLU C 299 -2.89 -48.73 -28.92
C GLU C 299 -2.13 -48.75 -27.59
N THR C 300 -1.72 -47.60 -27.05
CA THR C 300 -0.93 -47.59 -25.78
C THR C 300 -1.87 -48.03 -24.64
N HIS C 301 -1.31 -48.63 -23.63
CA HIS C 301 -2.04 -49.02 -22.40
C HIS C 301 -2.72 -47.79 -21.80
N ALA C 302 -2.01 -46.67 -21.73
CA ALA C 302 -2.54 -45.36 -21.25
C ALA C 302 -3.75 -44.94 -22.10
N THR C 303 -3.59 -44.92 -23.42
CA THR C 303 -4.70 -44.44 -24.27
C THR C 303 -5.88 -45.39 -24.07
N ARG C 304 -5.69 -46.71 -24.09
CA ARG C 304 -6.86 -47.63 -23.97
C ARG C 304 -7.55 -47.42 -22.62
N ALA C 305 -6.79 -47.23 -21.53
CA ALA C 305 -7.33 -47.13 -20.15
C ALA C 305 -8.03 -45.77 -20.00
N ALA C 306 -7.42 -44.71 -20.52
CA ALA C 306 -8.00 -43.35 -20.49
C ALA C 306 -9.34 -43.33 -21.26
N MET C 307 -9.45 -44.03 -22.40
CA MET C 307 -10.71 -44.05 -23.20
C MET C 307 -11.75 -44.92 -22.47
N SER C 308 -11.37 -46.05 -21.88
CA SER C 308 -12.31 -46.87 -21.08
C SER C 308 -12.83 -46.06 -19.90
N LEU C 309 -11.93 -45.45 -19.13
CA LEU C 309 -12.33 -44.70 -17.92
C LEU C 309 -13.20 -43.52 -18.34
N SER C 310 -12.80 -42.77 -19.37
CA SER C 310 -13.50 -41.50 -19.74
C SER C 310 -14.88 -41.80 -20.32
N THR C 311 -15.01 -42.84 -21.16
CA THR C 311 -16.31 -43.16 -21.81
C THR C 311 -17.26 -43.73 -20.76
N GLN C 312 -16.74 -44.57 -19.87
CA GLN C 312 -17.53 -45.22 -18.79
C GLN C 312 -18.03 -44.15 -17.82
N TRP C 313 -17.21 -43.17 -17.51
CA TRP C 313 -17.58 -42.07 -16.60
C TRP C 313 -18.69 -41.21 -17.23
N ILE C 314 -18.67 -41.00 -18.55
CA ILE C 314 -19.70 -40.20 -19.27
C ILE C 314 -21.00 -41.01 -19.28
N ASN C 315 -20.91 -42.30 -19.61
CA ASN C 315 -22.07 -43.22 -19.63
C ASN C 315 -22.79 -43.17 -18.27
N GLU C 316 -22.09 -43.26 -17.15
CA GLU C 316 -22.72 -43.33 -15.81
C GLU C 316 -23.41 -41.98 -15.54
N LYS C 317 -22.88 -40.90 -16.11
CA LYS C 317 -23.41 -39.53 -15.94
C LYS C 317 -24.71 -39.38 -16.74
N ASN C 318 -24.81 -40.07 -17.87
CA ASN C 318 -26.01 -40.05 -18.75
C ASN C 318 -27.11 -40.93 -18.12
N ARG C 319 -26.90 -41.48 -16.91
CA ARG C 319 -27.88 -42.22 -16.05
C ARG C 319 -27.98 -41.55 -14.68
CL CL D . -15.18 -12.42 14.28
C ACT E . 1.13 33.41 22.18
O ACT E . 2.36 33.01 22.04
OXT ACT E . 0.41 33.18 23.16
CH3 ACT E . 0.47 34.19 21.06
C ACT F . -1.43 -28.53 -26.91
O ACT F . -1.69 -29.56 -27.58
OXT ACT F . -0.32 -28.22 -26.45
CH3 ACT F . -2.55 -27.58 -26.60
#